data_2QZX
#
_entry.id   2QZX
#
_cell.length_a   92.196
_cell.length_b   92.196
_cell.length_c   182.005
_cell.angle_alpha   90.00
_cell.angle_beta   90.00
_cell.angle_gamma   90.00
#
_symmetry.space_group_name_H-M   'P 41 21 2'
#
loop_
_entity.id
_entity.type
_entity.pdbx_description
1 polymer Candidapepsin-5
2 polymer Pepstatin
3 water water
#
loop_
_entity_poly.entity_id
_entity_poly.type
_entity_poly.pdbx_seq_one_letter_code
_entity_poly.pdbx_strand_id
1 'polypeptide(L)'
;GPVAVTLHNEAITYTADITVGSDNQKLNVIVDTGSSDLWIPDSNVICIPKWRGDKGDFCKSAGSYSPASSRTSQNLNTRF
DIKYGDGSYAKGKLYKDTVGIGGVSVRDQLFANVWSTSARKGILGIGFQSGEATEFDYDNLPISLRNQGIIGKAAYSLYL
NSAEASTGQIIFGGIDKAKYSGSLVDLPITSEKKLTVGLRSVNVRGRNVDANTNVLLDSGTTISYFTRSIVRNILYAIGA
QMKFDSAGNKVYVADCKTSGTIDFQFGNNLKISVPVSEFLFQTYYTSGKPFPKCEVRIRESEDNILGDNFLRSAYVVYNL
DDKKISMAPVKYTSESDIVAIN
;
A,B
2 'polypeptide(L)' (IVA)VV(STA)A(STA) C,D
#
loop_
_chem_comp.id
_chem_comp.type
_chem_comp.name
_chem_comp.formula
IVA non-polymer 'ISOVALERIC ACID' 'C5 H10 O2'
STA peptide-like STATINE 'C8 H17 N O3'
#
# COMPACT_ATOMS: atom_id res chain seq x y z
N GLY A 1 -37.33 5.54 -2.05
CA GLY A 1 -36.05 5.90 -2.72
C GLY A 1 -34.83 5.69 -1.82
N PRO A 2 -33.68 5.34 -2.41
CA PRO A 2 -32.46 5.12 -1.64
C PRO A 2 -32.09 6.36 -0.84
N VAL A 3 -31.77 6.17 0.44
CA VAL A 3 -31.40 7.28 1.30
C VAL A 3 -29.89 7.41 1.40
N ALA A 4 -29.31 8.36 0.67
CA ALA A 4 -27.87 8.58 0.73
C ALA A 4 -27.57 9.35 2.01
N VAL A 5 -26.70 8.80 2.84
CA VAL A 5 -26.35 9.43 4.11
C VAL A 5 -24.84 9.69 4.14
N THR A 6 -24.46 10.90 4.47
CA THR A 6 -23.05 11.23 4.51
C THR A 6 -22.34 10.70 5.76
N LEU A 7 -21.17 10.10 5.56
CA LEU A 7 -20.38 9.57 6.65
C LEU A 7 -19.20 10.51 6.92
N HIS A 8 -18.93 10.75 8.20
CA HIS A 8 -17.82 11.60 8.58
C HIS A 8 -16.70 10.77 9.17
N ASN A 9 -15.50 10.91 8.60
CA ASN A 9 -14.34 10.19 9.06
C ASN A 9 -13.77 10.90 10.27
N GLU A 10 -13.89 10.26 11.44
CA GLU A 10 -13.37 10.82 12.66
C GLU A 10 -12.13 10.12 13.16
N ALA A 11 -11.40 9.48 12.24
CA ALA A 11 -10.13 8.82 12.54
C ALA A 11 -10.11 7.45 13.21
N ILE A 12 -11.27 7.00 13.69
CA ILE A 12 -11.34 5.70 14.36
C ILE A 12 -12.74 5.13 14.13
N THR A 13 -13.54 5.87 13.38
CA THR A 13 -14.88 5.48 13.08
C THR A 13 -15.52 6.46 12.10
N TYR A 14 -16.73 6.14 11.65
CA TYR A 14 -17.47 6.99 10.72
C TYR A 14 -18.82 7.32 11.29
N THR A 15 -19.10 8.61 11.43
CA THR A 15 -20.34 9.06 12.01
C THR A 15 -21.32 9.64 11.00
N ALA A 16 -22.58 9.71 11.40
CA ALA A 16 -23.64 10.26 10.56
C ALA A 16 -24.51 11.20 11.40
N ASP A 17 -25.15 12.16 10.74
CA ASP A 17 -25.98 13.12 11.43
C ASP A 17 -27.45 12.70 11.35
N ILE A 18 -28.11 12.68 12.50
CA ILE A 18 -29.51 12.33 12.57
C ILE A 18 -30.24 13.38 13.39
N THR A 19 -31.56 13.41 13.30
CA THR A 19 -32.34 14.33 14.09
C THR A 19 -33.26 13.43 14.93
N VAL A 20 -33.65 13.90 16.11
CA VAL A 20 -34.52 13.12 16.98
C VAL A 20 -35.57 14.02 17.62
N GLY A 21 -36.81 13.55 17.61
CA GLY A 21 -37.90 14.32 18.20
C GLY A 21 -38.64 15.21 17.23
N SER A 22 -39.71 15.83 17.71
CA SER A 22 -40.50 16.72 16.87
C SER A 22 -39.73 18.00 16.62
N ASP A 23 -38.77 18.30 17.48
CA ASP A 23 -37.96 19.50 17.34
C ASP A 23 -36.67 19.17 16.59
N ASN A 24 -36.62 17.96 16.04
CA ASN A 24 -35.47 17.52 15.26
C ASN A 24 -34.13 17.87 15.90
N GLN A 25 -33.94 17.41 17.13
CA GLN A 25 -32.71 17.66 17.86
C GLN A 25 -31.57 17.01 17.07
N LYS A 26 -30.54 17.81 16.80
CA LYS A 26 -29.40 17.33 16.04
C LYS A 26 -28.34 16.58 16.86
N LEU A 27 -28.15 15.31 16.54
CA LEU A 27 -27.14 14.50 17.21
C LEU A 27 -26.26 13.87 16.14
N ASN A 28 -25.01 13.57 16.51
CA ASN A 28 -24.10 12.92 15.56
C ASN A 28 -23.76 11.61 16.21
N VAL A 29 -23.91 10.52 15.46
CA VAL A 29 -23.64 9.19 15.99
C VAL A 29 -22.83 8.26 15.07
N ILE A 30 -22.16 7.28 15.69
CA ILE A 30 -21.34 6.30 15.00
C ILE A 30 -22.20 5.28 14.25
N VAL A 31 -21.94 5.11 12.95
CA VAL A 31 -22.67 4.14 12.13
C VAL A 31 -22.02 2.79 12.40
N ASP A 32 -22.76 1.88 13.02
CA ASP A 32 -22.21 0.58 13.37
C ASP A 32 -23.01 -0.64 12.94
N THR A 33 -22.47 -1.35 11.97
CA THR A 33 -23.10 -2.55 11.46
C THR A 33 -22.90 -3.67 12.48
N GLY A 34 -21.94 -3.47 13.38
CA GLY A 34 -21.62 -4.45 14.40
C GLY A 34 -22.52 -4.52 15.63
N SER A 35 -23.63 -3.78 15.60
CA SER A 35 -24.60 -3.79 16.70
C SER A 35 -25.93 -3.55 16.01
N SER A 36 -27.03 -3.72 16.72
CA SER A 36 -28.32 -3.54 16.06
C SER A 36 -29.22 -2.45 16.64
N ASP A 37 -28.82 -1.83 17.74
CA ASP A 37 -29.66 -0.80 18.35
C ASP A 37 -29.10 0.59 18.30
N LEU A 38 -29.99 1.54 18.06
CA LEU A 38 -29.62 2.94 18.03
C LEU A 38 -29.82 3.51 19.44
N TRP A 39 -28.79 4.17 19.98
CA TRP A 39 -28.92 4.81 21.28
C TRP A 39 -28.18 6.13 21.24
N ILE A 40 -28.74 7.13 21.92
CA ILE A 40 -28.17 8.46 21.97
C ILE A 40 -28.12 8.93 23.42
N PRO A 41 -27.07 9.67 23.80
CA PRO A 41 -26.93 10.15 25.19
C PRO A 41 -28.06 11.11 25.58
N ASP A 42 -28.54 11.01 26.81
CA ASP A 42 -29.59 11.90 27.30
C ASP A 42 -28.92 13.23 27.60
N SER A 43 -29.70 14.32 27.60
CA SER A 43 -29.15 15.64 27.88
C SER A 43 -28.32 15.65 29.16
N ASN A 44 -28.66 14.78 30.11
CA ASN A 44 -27.91 14.69 31.38
C ASN A 44 -27.16 13.36 31.52
N VAL A 45 -26.58 12.90 30.44
CA VAL A 45 -25.83 11.65 30.45
C VAL A 45 -24.63 11.74 31.37
N ILE A 46 -24.24 10.60 31.93
CA ILE A 46 -23.06 10.51 32.77
C ILE A 46 -22.00 9.81 31.95
N CYS A 47 -21.10 10.59 31.37
CA CYS A 47 -20.05 9.99 30.57
C CYS A 47 -18.95 9.51 31.52
N ILE A 48 -18.62 8.23 31.46
CA ILE A 48 -17.55 7.74 32.31
C ILE A 48 -16.32 7.56 31.44
N PRO A 49 -15.15 7.95 31.95
CA PRO A 49 -13.93 7.80 31.16
C PRO A 49 -13.48 6.34 31.01
N LYS A 50 -13.03 6.01 29.81
CA LYS A 50 -12.55 4.66 29.50
C LYS A 50 -11.11 4.81 29.02
N TRP A 51 -10.90 5.81 28.17
CA TRP A 51 -9.57 6.11 27.66
C TRP A 51 -8.88 6.99 28.69
N ARG A 52 -7.69 7.49 28.34
CA ARG A 52 -6.94 8.35 29.24
C ARG A 52 -6.99 9.77 28.67
N GLY A 53 -7.65 10.67 29.40
CA GLY A 53 -7.77 12.03 28.93
C GLY A 53 -9.19 12.45 28.67
N ASP A 54 -10.12 11.49 28.80
CA ASP A 54 -11.53 11.78 28.59
C ASP A 54 -12.00 12.90 29.52
N LYS A 55 -12.26 14.06 28.93
CA LYS A 55 -12.70 15.23 29.68
C LYS A 55 -14.04 15.02 30.39
N GLY A 56 -14.70 16.11 30.75
CA GLY A 56 -15.97 16.02 31.44
C GLY A 56 -16.99 15.17 30.72
N ASP A 57 -17.92 15.82 30.01
CA ASP A 57 -18.93 15.08 29.28
C ASP A 57 -18.52 14.90 27.82
N PHE A 58 -17.46 14.14 27.61
CA PHE A 58 -16.94 13.87 26.28
C PHE A 58 -17.94 13.15 25.38
N CYS A 59 -18.84 12.36 25.97
CA CYS A 59 -19.79 11.61 25.18
C CYS A 59 -21.01 12.38 24.67
N LYS A 60 -21.21 13.61 25.15
CA LYS A 60 -22.34 14.37 24.64
C LYS A 60 -21.83 15.49 23.75
N SER A 61 -20.59 15.34 23.31
CA SER A 61 -19.94 16.32 22.44
C SER A 61 -20.53 16.36 21.02
N ALA A 62 -21.41 15.42 20.70
CA ALA A 62 -22.04 15.39 19.38
C ALA A 62 -23.55 15.59 19.49
N GLY A 63 -23.96 16.32 20.53
CA GLY A 63 -25.37 16.57 20.77
C GLY A 63 -25.88 15.65 21.88
N SER A 64 -27.13 15.83 22.26
CA SER A 64 -27.77 14.98 23.28
C SER A 64 -29.26 15.09 23.09
N TYR A 65 -29.99 14.21 23.74
CA TYR A 65 -31.44 14.15 23.60
C TYR A 65 -32.23 14.48 24.87
N SER A 66 -33.20 15.37 24.70
CA SER A 66 -34.07 15.74 25.82
C SER A 66 -35.50 15.44 25.41
N PRO A 67 -36.02 14.27 25.83
CA PRO A 67 -37.40 13.88 25.50
C PRO A 67 -38.38 15.03 25.72
N ALA A 68 -38.14 15.79 26.78
CA ALA A 68 -39.04 16.88 27.14
C ALA A 68 -39.29 17.92 26.04
N SER A 69 -38.29 18.24 25.23
CA SER A 69 -38.49 19.23 24.18
C SER A 69 -39.18 18.63 22.97
N SER A 70 -39.42 17.33 23.00
CA SER A 70 -40.05 16.66 21.88
C SER A 70 -41.51 16.35 22.15
N ARG A 71 -42.39 17.05 21.44
CA ARG A 71 -43.83 16.88 21.56
C ARG A 71 -44.24 15.45 21.25
N THR A 72 -43.39 14.76 20.51
CA THR A 72 -43.70 13.41 20.11
C THR A 72 -42.91 12.30 20.79
N SER A 73 -42.17 12.62 21.86
CA SER A 73 -41.39 11.61 22.56
C SER A 73 -42.33 10.63 23.28
N GLN A 74 -41.80 9.45 23.60
CA GLN A 74 -42.61 8.44 24.26
C GLN A 74 -41.77 7.44 25.06
N ASN A 75 -41.76 7.61 26.38
CA ASN A 75 -41.01 6.72 27.27
C ASN A 75 -41.70 5.36 27.27
N LEU A 76 -40.94 4.31 27.00
CA LEU A 76 -41.46 2.95 26.94
C LEU A 76 -41.30 2.22 28.27
N ASN A 77 -40.79 2.92 29.27
CA ASN A 77 -40.61 2.35 30.61
C ASN A 77 -39.93 0.99 30.58
N THR A 78 -38.81 0.89 29.87
CA THR A 78 -38.07 -0.36 29.76
C THR A 78 -36.59 -0.04 29.76
N ARG A 79 -35.85 -0.68 30.67
CA ARG A 79 -34.42 -0.43 30.75
C ARG A 79 -33.67 -1.03 29.56
N PHE A 80 -32.57 -0.40 29.19
CA PHE A 80 -31.76 -0.85 28.08
C PHE A 80 -30.31 -1.02 28.49
N ASP A 81 -29.69 -2.10 28.04
CA ASP A 81 -28.30 -2.35 28.36
C ASP A 81 -27.59 -2.93 27.16
N ILE A 82 -26.33 -2.56 26.98
CA ILE A 82 -25.58 -3.10 25.86
C ILE A 82 -24.09 -2.97 26.18
N LYS A 83 -23.32 -3.97 25.76
CA LYS A 83 -21.89 -3.96 25.96
C LYS A 83 -21.26 -4.11 24.60
N TYR A 84 -20.00 -3.72 24.48
CA TYR A 84 -19.30 -3.80 23.22
C TYR A 84 -17.95 -4.50 23.38
N GLY A 85 -17.40 -4.98 22.27
CA GLY A 85 -16.13 -5.68 22.31
C GLY A 85 -15.01 -4.97 23.06
N ASP A 86 -14.81 -3.69 22.76
CA ASP A 86 -13.77 -2.88 23.40
C ASP A 86 -14.00 -2.68 24.90
N GLY A 87 -15.07 -3.28 25.43
CA GLY A 87 -15.36 -3.16 26.84
C GLY A 87 -16.24 -2.00 27.26
N SER A 88 -16.44 -1.02 26.39
CA SER A 88 -17.29 0.10 26.73
C SER A 88 -18.73 -0.40 26.83
N TYR A 89 -19.63 0.43 27.32
CA TYR A 89 -21.03 0.03 27.50
C TYR A 89 -21.94 1.24 27.44
N ALA A 90 -23.25 0.99 27.49
CA ALA A 90 -24.25 2.05 27.47
C ALA A 90 -25.49 1.61 28.24
N LYS A 91 -26.03 2.51 29.06
CA LYS A 91 -27.23 2.20 29.85
C LYS A 91 -28.24 3.32 29.67
N GLY A 92 -29.48 2.93 29.36
CA GLY A 92 -30.52 3.93 29.15
C GLY A 92 -31.93 3.38 29.22
N LYS A 93 -32.88 4.19 28.73
CA LYS A 93 -34.30 3.86 28.71
C LYS A 93 -34.75 3.77 27.25
N LEU A 94 -35.62 2.81 26.95
CA LEU A 94 -36.12 2.70 25.59
C LEU A 94 -37.17 3.76 25.34
N TYR A 95 -37.08 4.42 24.20
CA TYR A 95 -38.01 5.46 23.80
C TYR A 95 -38.42 5.23 22.37
N LYS A 96 -39.39 6.00 21.91
CA LYS A 96 -39.85 5.98 20.55
C LYS A 96 -39.97 7.44 20.13
N ASP A 97 -39.55 7.75 18.92
CA ASP A 97 -39.68 9.12 18.47
C ASP A 97 -39.38 9.19 17.00
N THR A 98 -39.60 10.36 16.43
CA THR A 98 -39.33 10.58 15.02
C THR A 98 -37.83 10.75 14.86
N VAL A 99 -37.22 9.86 14.06
CA VAL A 99 -35.79 9.90 13.79
C VAL A 99 -35.58 10.30 12.33
N GLY A 100 -34.77 11.34 12.11
CA GLY A 100 -34.49 11.78 10.75
C GLY A 100 -33.06 11.51 10.33
N ILE A 101 -32.86 11.14 9.07
CA ILE A 101 -31.52 10.87 8.51
C ILE A 101 -31.54 11.11 7.00
N GLY A 102 -30.52 11.80 6.50
CA GLY A 102 -30.43 12.07 5.08
C GLY A 102 -31.72 12.57 4.45
N GLY A 103 -32.41 13.49 5.12
CA GLY A 103 -33.64 14.06 4.57
C GLY A 103 -34.92 13.25 4.68
N VAL A 104 -34.85 12.05 5.26
CA VAL A 104 -36.03 11.21 5.39
C VAL A 104 -36.45 11.14 6.86
N SER A 105 -37.67 10.70 7.11
CA SER A 105 -38.17 10.59 8.49
C SER A 105 -38.70 9.19 8.81
N VAL A 106 -38.24 8.67 9.94
CA VAL A 106 -38.68 7.36 10.42
C VAL A 106 -39.57 7.65 11.63
N ARG A 107 -40.85 7.27 11.53
CA ARG A 107 -41.80 7.52 12.61
C ARG A 107 -41.78 6.40 13.65
N ASP A 108 -42.05 6.77 14.90
CA ASP A 108 -42.08 5.81 16.01
C ASP A 108 -40.89 4.86 16.02
N GLN A 109 -39.70 5.44 15.84
CA GLN A 109 -38.49 4.66 15.83
C GLN A 109 -38.06 4.41 17.25
N LEU A 110 -38.00 3.13 17.61
CA LEU A 110 -37.61 2.75 18.95
C LEU A 110 -36.08 2.88 18.96
N PHE A 111 -35.55 3.31 20.10
CA PHE A 111 -34.13 3.51 20.26
C PHE A 111 -33.91 3.70 21.75
N ALA A 112 -32.65 3.81 22.18
CA ALA A 112 -32.39 3.96 23.60
C ALA A 112 -31.84 5.33 23.99
N ASN A 113 -32.35 5.87 25.10
CA ASN A 113 -31.89 7.16 25.63
C ASN A 113 -31.03 6.80 26.85
N VAL A 114 -29.72 6.86 26.65
CA VAL A 114 -28.70 6.49 27.66
C VAL A 114 -28.34 7.54 28.72
N TRP A 115 -28.25 7.10 29.99
CA TRP A 115 -27.91 7.99 31.10
C TRP A 115 -26.47 7.77 31.59
N SER A 116 -25.90 6.63 31.20
CA SER A 116 -24.51 6.28 31.55
C SER A 116 -23.88 5.47 30.44
N THR A 117 -22.69 5.86 30.04
CA THR A 117 -21.99 5.17 28.97
C THR A 117 -20.52 5.53 28.93
N SER A 118 -19.71 4.65 28.35
CA SER A 118 -18.29 4.89 28.24
C SER A 118 -17.90 4.92 26.75
N ALA A 119 -18.89 4.94 25.87
CA ALA A 119 -18.63 5.01 24.44
C ALA A 119 -18.32 6.46 24.09
N ARG A 120 -17.76 6.72 22.93
CA ARG A 120 -17.42 8.09 22.55
C ARG A 120 -18.66 8.95 22.29
N LYS A 121 -19.76 8.32 21.88
CA LYS A 121 -20.99 9.03 21.59
C LYS A 121 -22.08 8.03 21.23
N GLY A 122 -23.21 8.53 20.76
CA GLY A 122 -24.30 7.66 20.38
C GLY A 122 -23.88 6.72 19.27
N ILE A 123 -24.51 5.54 19.23
CA ILE A 123 -24.18 4.53 18.23
C ILE A 123 -25.41 4.07 17.46
N LEU A 124 -25.35 4.16 16.14
CA LEU A 124 -26.47 3.74 15.31
C LEU A 124 -26.28 2.30 14.83
N GLY A 125 -26.77 1.34 15.61
CA GLY A 125 -26.67 -0.06 15.24
C GLY A 125 -27.64 -0.41 14.13
N ILE A 126 -27.15 -1.07 13.09
CA ILE A 126 -28.01 -1.45 11.96
C ILE A 126 -27.84 -2.89 11.56
N GLY A 127 -27.45 -3.73 12.51
CA GLY A 127 -27.27 -5.14 12.21
C GLY A 127 -28.61 -5.86 12.21
N PHE A 128 -28.53 -7.18 12.29
CA PHE A 128 -29.71 -8.03 12.31
C PHE A 128 -30.63 -7.70 13.48
N GLN A 129 -31.93 -7.83 13.25
CA GLN A 129 -32.91 -7.59 14.28
C GLN A 129 -32.64 -8.53 15.46
N SER A 130 -32.10 -9.71 15.17
CA SER A 130 -31.79 -10.67 16.21
C SER A 130 -30.51 -10.32 16.95
N GLY A 131 -29.92 -9.18 16.59
CA GLY A 131 -28.71 -8.76 17.25
C GLY A 131 -28.96 -7.71 18.30
N GLU A 132 -30.20 -7.21 18.34
CA GLU A 132 -30.62 -6.18 19.30
C GLU A 132 -30.33 -6.61 20.73
N ALA A 133 -29.85 -5.68 21.56
CA ALA A 133 -29.52 -5.95 22.95
C ALA A 133 -30.81 -5.96 23.78
N THR A 134 -31.89 -5.61 23.11
CA THR A 134 -33.20 -5.58 23.71
C THR A 134 -33.64 -7.03 23.97
N GLU A 135 -34.47 -7.24 24.99
CA GLU A 135 -34.92 -8.59 25.30
C GLU A 135 -36.04 -9.03 24.38
N PHE A 136 -36.22 -8.30 23.28
CA PHE A 136 -37.29 -8.63 22.35
C PHE A 136 -37.05 -8.06 20.96
N ASP A 137 -37.81 -8.55 19.98
CA ASP A 137 -37.69 -8.10 18.60
C ASP A 137 -38.51 -6.85 18.33
N TYR A 138 -37.86 -5.87 17.70
CA TYR A 138 -38.52 -4.63 17.32
C TYR A 138 -37.89 -4.23 16.00
N ASP A 139 -38.38 -3.12 15.45
CA ASP A 139 -37.89 -2.61 14.17
C ASP A 139 -36.74 -1.62 14.34
N ASN A 140 -35.52 -1.98 13.92
CA ASN A 140 -34.42 -1.03 14.01
C ASN A 140 -34.44 -0.16 12.74
N LEU A 141 -33.61 0.87 12.69
CA LEU A 141 -33.61 1.78 11.55
C LEU A 141 -33.76 1.15 10.16
N PRO A 142 -33.01 0.07 9.89
CA PRO A 142 -33.14 -0.57 8.58
C PRO A 142 -34.52 -1.16 8.28
N ILE A 143 -35.00 -2.05 9.15
CA ILE A 143 -36.29 -2.69 8.97
C ILE A 143 -37.41 -1.66 8.99
N SER A 144 -37.20 -0.61 9.78
CA SER A 144 -38.17 0.45 9.92
C SER A 144 -38.25 1.27 8.62
N LEU A 145 -37.09 1.51 8.02
CA LEU A 145 -37.03 2.26 6.77
C LEU A 145 -37.73 1.47 5.66
N ARG A 146 -37.70 0.14 5.76
CA ARG A 146 -38.34 -0.74 4.77
C ARG A 146 -39.85 -0.82 5.00
N ASN A 147 -40.25 -1.09 6.23
CA ASN A 147 -41.65 -1.19 6.57
C ASN A 147 -42.44 0.06 6.23
N GLN A 148 -41.84 1.24 6.40
CA GLN A 148 -42.53 2.50 6.10
C GLN A 148 -42.54 2.89 4.65
N GLY A 149 -41.99 2.04 3.79
CA GLY A 149 -41.99 2.32 2.38
C GLY A 149 -40.91 3.21 1.80
N ILE A 150 -39.89 3.54 2.59
CA ILE A 150 -38.81 4.40 2.09
C ILE A 150 -37.82 3.61 1.24
N ILE A 151 -37.43 2.42 1.69
CA ILE A 151 -36.48 1.61 0.93
C ILE A 151 -37.06 0.23 0.68
N GLY A 152 -36.63 -0.40 -0.41
CA GLY A 152 -37.13 -1.72 -0.75
C GLY A 152 -36.84 -2.82 0.25
N LYS A 153 -35.61 -2.86 0.77
CA LYS A 153 -35.23 -3.90 1.72
C LYS A 153 -34.37 -3.37 2.86
N ALA A 154 -34.36 -4.12 3.96
CA ALA A 154 -33.53 -3.78 5.10
C ALA A 154 -32.14 -4.12 4.59
N ALA A 155 -31.50 -3.14 3.97
CA ALA A 155 -30.18 -3.33 3.39
C ALA A 155 -29.56 -1.98 3.08
N TYR A 156 -28.23 -1.95 2.98
CA TYR A 156 -27.53 -0.71 2.69
C TYR A 156 -26.13 -0.96 2.17
N SER A 157 -25.57 0.04 1.51
CA SER A 157 -24.22 -0.06 0.98
C SER A 157 -23.29 0.81 1.80
N LEU A 158 -22.12 0.28 2.11
CA LEU A 158 -21.14 1.00 2.89
C LEU A 158 -19.98 1.43 1.99
N TYR A 159 -19.71 2.72 1.97
CA TYR A 159 -18.61 3.24 1.18
C TYR A 159 -17.76 4.07 2.12
N LEU A 160 -16.86 3.37 2.81
CA LEU A 160 -15.93 4.06 3.70
C LEU A 160 -15.03 4.63 2.66
N ASN A 161 -14.84 5.93 2.67
CA ASN A 161 -13.97 6.39 1.61
C ASN A 161 -12.54 6.00 1.94
N SER A 162 -11.60 6.70 1.31
CA SER A 162 -10.18 6.44 1.49
C SER A 162 -9.64 6.90 2.84
N ALA A 163 -8.57 6.27 3.30
CA ALA A 163 -7.98 6.61 4.59
C ALA A 163 -7.75 8.11 4.78
N GLU A 164 -7.39 8.82 3.72
CA GLU A 164 -7.15 10.25 3.87
C GLU A 164 -8.40 11.07 3.65
N ALA A 165 -9.48 10.42 3.21
CA ALA A 165 -10.75 11.07 2.94
C ALA A 165 -11.46 11.65 4.17
N SER A 166 -12.18 12.75 3.94
CA SER A 166 -12.91 13.43 4.99
C SER A 166 -14.30 12.83 5.17
N THR A 167 -14.90 12.36 4.08
CA THR A 167 -16.23 11.79 4.15
C THR A 167 -16.34 10.50 3.38
N GLY A 168 -17.39 9.73 3.70
CA GLY A 168 -17.67 8.48 3.02
C GLY A 168 -19.17 8.50 2.83
N GLN A 169 -19.76 7.38 2.43
CA GLN A 169 -21.20 7.33 2.26
C GLN A 169 -21.77 5.95 2.52
N ILE A 170 -22.96 5.91 3.12
CA ILE A 170 -23.65 4.67 3.37
C ILE A 170 -25.02 4.91 2.76
N ILE A 171 -25.49 3.94 1.97
CA ILE A 171 -26.78 4.10 1.31
C ILE A 171 -27.78 3.06 1.73
N PHE A 172 -28.83 3.50 2.43
CA PHE A 172 -29.88 2.60 2.84
C PHE A 172 -30.74 2.29 1.62
N GLY A 173 -30.90 1.01 1.34
CA GLY A 173 -31.72 0.58 0.21
C GLY A 173 -31.16 0.84 -1.18
N GLY A 174 -29.92 1.31 -1.27
CA GLY A 174 -29.34 1.58 -2.57
C GLY A 174 -27.92 1.09 -2.77
N ILE A 175 -27.40 1.28 -3.98
CA ILE A 175 -26.05 0.89 -4.38
C ILE A 175 -25.54 1.93 -5.36
N ASP A 176 -24.33 2.44 -5.12
CA ASP A 176 -23.74 3.45 -6.00
C ASP A 176 -22.84 2.71 -7.00
N LYS A 177 -23.46 2.12 -8.02
CA LYS A 177 -22.76 1.35 -9.04
C LYS A 177 -21.44 1.96 -9.53
N ALA A 178 -21.24 3.25 -9.27
CA ALA A 178 -20.02 3.92 -9.72
C ALA A 178 -18.88 3.98 -8.69
N LYS A 179 -19.04 3.33 -7.54
CA LYS A 179 -17.98 3.40 -6.55
C LYS A 179 -17.22 2.10 -6.31
N TYR A 180 -17.45 1.11 -7.17
CA TYR A 180 -16.74 -0.16 -7.05
C TYR A 180 -16.30 -0.65 -8.42
N SER A 181 -15.08 -1.17 -8.48
CA SER A 181 -14.54 -1.68 -9.73
C SER A 181 -15.11 -3.06 -9.99
N GLY A 182 -15.00 -3.51 -11.23
CA GLY A 182 -15.51 -4.83 -11.56
C GLY A 182 -16.96 -4.97 -11.20
N SER A 183 -17.38 -6.19 -10.90
CA SER A 183 -18.76 -6.49 -10.56
C SER A 183 -18.88 -7.00 -9.12
N LEU A 184 -19.88 -6.49 -8.40
CA LEU A 184 -20.15 -6.90 -7.02
C LEU A 184 -20.26 -8.41 -7.01
N VAL A 185 -19.87 -9.03 -5.91
CA VAL A 185 -19.95 -10.48 -5.79
C VAL A 185 -20.67 -10.83 -4.48
N ASP A 186 -21.68 -11.68 -4.58
CA ASP A 186 -22.48 -12.08 -3.43
C ASP A 186 -21.79 -13.05 -2.48
N LEU A 187 -21.84 -12.73 -1.20
CA LEU A 187 -21.27 -13.61 -0.17
C LEU A 187 -22.40 -13.88 0.81
N PRO A 188 -22.74 -15.15 1.03
CA PRO A 188 -23.81 -15.41 1.99
C PRO A 188 -23.38 -15.04 3.41
N ILE A 189 -24.31 -14.51 4.20
CA ILE A 189 -23.99 -14.15 5.57
C ILE A 189 -24.03 -15.46 6.34
N THR A 190 -22.93 -15.78 7.01
CA THR A 190 -22.80 -17.03 7.73
C THR A 190 -23.19 -17.08 9.19
N SER A 191 -23.88 -16.04 9.66
CA SER A 191 -24.31 -16.04 11.05
C SER A 191 -25.75 -15.57 11.07
N GLU A 192 -26.46 -15.89 12.14
CA GLU A 192 -27.85 -15.45 12.24
C GLU A 192 -27.95 -14.16 13.04
N LYS A 193 -26.90 -13.85 13.81
CA LYS A 193 -26.89 -12.64 14.64
C LYS A 193 -25.75 -11.64 14.40
N LYS A 194 -24.73 -12.03 13.66
CA LYS A 194 -23.62 -11.13 13.39
C LYS A 194 -23.39 -11.05 11.89
N LEU A 195 -23.00 -9.87 11.40
CA LEU A 195 -22.74 -9.70 9.99
C LEU A 195 -21.40 -10.31 9.60
N THR A 196 -21.40 -11.64 9.51
CA THR A 196 -20.22 -12.42 9.18
C THR A 196 -20.23 -13.04 7.79
N VAL A 197 -19.04 -13.22 7.24
CA VAL A 197 -18.87 -13.79 5.93
C VAL A 197 -17.79 -14.87 6.03
N GLY A 198 -17.78 -15.79 5.06
CA GLY A 198 -16.78 -16.83 5.08
C GLY A 198 -15.44 -16.34 4.53
N LEU A 199 -14.36 -16.69 5.22
CA LEU A 199 -13.02 -16.31 4.77
C LEU A 199 -12.25 -17.60 4.50
N ARG A 200 -11.83 -17.80 3.26
CA ARG A 200 -11.09 -19.00 2.90
C ARG A 200 -9.63 -18.92 3.32
N SER A 201 -8.96 -17.86 2.89
CA SER A 201 -7.54 -17.70 3.21
C SER A 201 -7.13 -16.24 3.24
N VAL A 202 -5.87 -16.02 3.58
CA VAL A 202 -5.29 -14.69 3.62
C VAL A 202 -3.88 -14.87 3.09
N ASN A 203 -3.50 -14.08 2.09
CA ASN A 203 -2.16 -14.18 1.53
C ASN A 203 -1.40 -12.91 1.89
N VAL A 204 -0.41 -13.01 2.77
CA VAL A 204 0.36 -11.83 3.14
C VAL A 204 1.71 -11.86 2.43
N ARG A 205 2.01 -10.78 1.70
CA ARG A 205 3.25 -10.65 0.96
C ARG A 205 3.70 -11.96 0.34
N GLY A 206 2.78 -12.67 -0.29
CA GLY A 206 3.11 -13.94 -0.94
C GLY A 206 2.93 -15.13 -0.02
N ARG A 207 2.76 -14.86 1.28
CA ARG A 207 2.59 -15.93 2.23
C ARG A 207 1.12 -16.37 2.30
N ASN A 208 0.87 -17.65 1.99
CA ASN A 208 -0.50 -18.14 2.08
C ASN A 208 -0.81 -18.57 3.51
N VAL A 209 -1.92 -18.08 4.04
CA VAL A 209 -2.33 -18.41 5.39
C VAL A 209 -3.77 -18.88 5.36
N ASP A 210 -3.97 -20.18 5.45
CA ASP A 210 -5.33 -20.73 5.44
C ASP A 210 -6.14 -20.16 6.59
N ALA A 211 -7.42 -19.96 6.35
CA ALA A 211 -8.29 -19.44 7.39
C ALA A 211 -9.46 -20.39 7.56
N ASN A 212 -10.14 -20.68 6.46
CA ASN A 212 -11.29 -21.58 6.47
C ASN A 212 -12.12 -21.28 7.72
N THR A 213 -12.58 -20.04 7.82
CA THR A 213 -13.36 -19.61 8.99
C THR A 213 -14.36 -18.50 8.62
N ASN A 214 -14.89 -17.85 9.64
CA ASN A 214 -15.83 -16.75 9.46
C ASN A 214 -15.15 -15.47 9.95
N VAL A 215 -15.48 -14.34 9.33
CA VAL A 215 -14.93 -13.06 9.73
C VAL A 215 -16.02 -12.02 9.79
N LEU A 216 -15.94 -11.15 10.79
CA LEU A 216 -16.91 -10.10 10.96
C LEU A 216 -16.50 -8.84 10.19
N LEU A 217 -17.33 -8.44 9.22
CA LEU A 217 -17.09 -7.21 8.43
C LEU A 217 -17.83 -6.14 9.23
N ASP A 218 -17.10 -5.37 10.02
CA ASP A 218 -17.75 -4.39 10.92
C ASP A 218 -17.29 -2.94 10.83
N SER A 219 -18.14 -2.08 10.30
CA SER A 219 -17.81 -0.66 10.15
C SER A 219 -17.58 -0.04 11.52
N GLY A 220 -18.16 -0.65 12.54
CA GLY A 220 -18.02 -0.16 13.90
C GLY A 220 -16.73 -0.58 14.57
N THR A 221 -15.79 -1.15 13.82
CA THR A 221 -14.51 -1.54 14.39
C THR A 221 -13.43 -0.71 13.69
N THR A 222 -12.53 -0.10 14.46
CA THR A 222 -11.46 0.73 13.90
C THR A 222 -10.46 -0.07 13.08
N ILE A 223 -9.87 -1.07 13.71
CA ILE A 223 -8.86 -1.88 13.04
C ILE A 223 -9.36 -3.30 12.76
N SER A 224 -8.43 -4.24 12.61
CA SER A 224 -8.81 -5.63 12.34
C SER A 224 -8.14 -6.62 13.27
N TYR A 225 -8.81 -7.76 13.48
CA TYR A 225 -8.30 -8.80 14.36
C TYR A 225 -8.51 -10.18 13.75
N PHE A 226 -7.71 -11.15 14.19
CA PHE A 226 -7.81 -12.53 13.74
C PHE A 226 -7.37 -13.48 14.83
N THR A 227 -7.62 -14.77 14.61
CA THR A 227 -7.24 -15.80 15.54
C THR A 227 -5.73 -15.82 15.77
N ARG A 228 -5.32 -16.27 16.94
CA ARG A 228 -3.91 -16.33 17.34
C ARG A 228 -2.88 -16.72 16.26
N SER A 229 -2.89 -17.98 15.82
CA SER A 229 -1.92 -18.43 14.82
C SER A 229 -2.02 -17.66 13.52
N ILE A 230 -3.24 -17.30 13.13
CA ILE A 230 -3.45 -16.54 11.91
C ILE A 230 -2.80 -15.18 12.03
N VAL A 231 -3.06 -14.45 13.12
CA VAL A 231 -2.48 -13.13 13.28
C VAL A 231 -0.96 -13.25 13.35
N ARG A 232 -0.47 -14.24 14.09
CA ARG A 232 0.97 -14.43 14.20
C ARG A 232 1.62 -14.72 12.84
N ASN A 233 0.89 -15.39 11.95
CA ASN A 233 1.42 -15.69 10.60
C ASN A 233 1.50 -14.42 9.78
N ILE A 234 0.50 -13.56 9.92
CA ILE A 234 0.47 -12.29 9.20
C ILE A 234 1.60 -11.42 9.74
N LEU A 235 1.78 -11.44 11.05
CA LEU A 235 2.84 -10.65 11.67
C LEU A 235 4.21 -11.19 11.23
N TYR A 236 4.26 -12.49 10.97
CA TYR A 236 5.50 -13.12 10.54
C TYR A 236 5.90 -12.67 9.14
N ALA A 237 4.94 -12.66 8.22
CA ALA A 237 5.20 -12.25 6.84
C ALA A 237 5.60 -10.80 6.82
N ILE A 238 4.88 -9.98 7.56
CA ILE A 238 5.15 -8.55 7.62
C ILE A 238 6.53 -8.27 8.22
N GLY A 239 6.97 -9.12 9.14
CA GLY A 239 8.27 -8.92 9.77
C GLY A 239 8.17 -7.98 10.96
N ALA A 240 7.02 -8.03 11.64
CA ALA A 240 6.77 -7.18 12.80
C ALA A 240 7.71 -7.47 13.95
N GLN A 241 8.01 -6.43 14.72
CA GLN A 241 8.85 -6.52 15.90
C GLN A 241 7.94 -6.37 17.10
N MET A 242 8.04 -7.30 18.06
CA MET A 242 7.24 -7.29 19.28
C MET A 242 7.77 -6.25 20.25
N LYS A 243 6.86 -5.43 20.80
CA LYS A 243 7.18 -4.41 21.79
C LYS A 243 6.16 -4.54 22.92
N PHE A 244 6.31 -3.72 23.96
CA PHE A 244 5.39 -3.76 25.06
C PHE A 244 4.88 -2.34 25.38
N ASP A 245 3.58 -2.23 25.66
CA ASP A 245 2.99 -0.93 25.98
C ASP A 245 3.16 -0.58 27.45
N SER A 246 2.59 0.55 27.85
CA SER A 246 2.66 1.02 29.23
C SER A 246 2.02 0.07 30.23
N ALA A 247 1.41 -1.00 29.73
CA ALA A 247 0.75 -1.98 30.60
C ALA A 247 1.46 -3.34 30.52
N GLY A 248 2.56 -3.39 29.78
CA GLY A 248 3.33 -4.63 29.65
C GLY A 248 2.65 -5.65 28.76
N ASN A 249 1.75 -5.19 27.89
CA ASN A 249 1.05 -6.06 26.96
C ASN A 249 1.71 -6.06 25.59
N LYS A 250 1.74 -7.21 24.94
CA LYS A 250 2.37 -7.34 23.63
C LYS A 250 1.77 -6.42 22.58
N VAL A 251 2.64 -5.83 21.77
CA VAL A 251 2.24 -4.93 20.70
C VAL A 251 3.23 -5.11 19.55
N TYR A 252 2.75 -5.09 18.32
CA TYR A 252 3.63 -5.27 17.18
C TYR A 252 3.83 -4.00 16.36
N VAL A 253 5.06 -3.86 15.90
CA VAL A 253 5.50 -2.71 15.16
C VAL A 253 6.21 -3.15 13.87
N ALA A 254 6.24 -2.26 12.88
CA ALA A 254 6.88 -2.58 11.61
C ALA A 254 7.25 -1.32 10.86
N ASP A 255 8.21 -1.43 9.95
CA ASP A 255 8.63 -0.29 9.17
C ASP A 255 7.47 0.21 8.34
N CYS A 256 7.12 1.48 8.55
CA CYS A 256 6.03 2.12 7.83
C CYS A 256 6.09 1.90 6.32
N LYS A 257 7.29 1.83 5.77
CA LYS A 257 7.44 1.64 4.35
C LYS A 257 7.27 0.19 3.90
N THR A 258 7.05 -0.71 4.86
CA THR A 258 6.89 -2.13 4.54
C THR A 258 5.99 -2.35 3.33
N SER A 259 6.56 -2.97 2.30
CA SER A 259 5.85 -3.22 1.05
C SER A 259 4.99 -4.47 1.09
N GLY A 260 4.18 -4.64 0.07
CA GLY A 260 3.35 -5.83 -0.01
C GLY A 260 1.86 -5.64 0.07
N THR A 261 1.17 -6.76 -0.07
CA THR A 261 -0.28 -6.76 -0.05
C THR A 261 -0.86 -7.87 0.81
N ILE A 262 -2.05 -7.65 1.34
CA ILE A 262 -2.73 -8.68 2.11
C ILE A 262 -4.00 -9.04 1.34
N ASP A 263 -4.01 -10.20 0.71
CA ASP A 263 -5.16 -10.64 -0.08
C ASP A 263 -6.12 -11.54 0.65
N PHE A 264 -7.30 -11.02 0.96
CA PHE A 264 -8.33 -11.78 1.64
C PHE A 264 -9.21 -12.54 0.64
N GLN A 265 -9.10 -13.85 0.64
CA GLN A 265 -9.87 -14.69 -0.26
C GLN A 265 -11.20 -15.11 0.36
N PHE A 266 -12.29 -14.55 -0.13
CA PHE A 266 -13.61 -14.86 0.35
C PHE A 266 -14.23 -15.90 -0.59
N GLY A 267 -15.39 -16.41 -0.23
CA GLY A 267 -16.04 -17.39 -1.07
C GLY A 267 -16.50 -16.76 -2.38
N ASN A 268 -17.11 -17.58 -3.22
CA ASN A 268 -17.62 -17.13 -4.51
C ASN A 268 -16.55 -16.41 -5.32
N ASN A 269 -15.31 -16.83 -5.12
CA ASN A 269 -14.18 -16.26 -5.84
C ASN A 269 -14.14 -14.73 -5.79
N LEU A 270 -14.16 -14.21 -4.57
CA LEU A 270 -14.08 -12.78 -4.36
C LEU A 270 -12.77 -12.59 -3.60
N LYS A 271 -11.93 -11.73 -4.13
CA LYS A 271 -10.64 -11.47 -3.50
C LYS A 271 -10.44 -9.98 -3.38
N ILE A 272 -10.20 -9.52 -2.16
CA ILE A 272 -9.97 -8.11 -1.93
C ILE A 272 -8.55 -7.97 -1.44
N SER A 273 -7.76 -7.21 -2.18
CA SER A 273 -6.37 -7.00 -1.84
C SER A 273 -6.21 -5.67 -1.13
N VAL A 274 -5.52 -5.69 -0.01
CA VAL A 274 -5.30 -4.45 0.73
C VAL A 274 -3.83 -4.27 1.03
N PRO A 275 -3.25 -3.19 0.51
CA PRO A 275 -1.83 -2.94 0.77
C PRO A 275 -1.52 -2.89 2.26
N VAL A 276 -0.44 -3.54 2.65
CA VAL A 276 0.00 -3.60 4.04
C VAL A 276 0.08 -2.21 4.68
N SER A 277 0.36 -1.18 3.88
CA SER A 277 0.46 0.17 4.41
C SER A 277 -0.86 0.63 5.04
N GLU A 278 -1.98 0.11 4.55
CA GLU A 278 -3.28 0.49 5.10
C GLU A 278 -3.45 -0.04 6.53
N PHE A 279 -2.64 -1.04 6.89
CA PHE A 279 -2.71 -1.62 8.23
C PHE A 279 -1.64 -1.09 9.16
N LEU A 280 -0.86 -0.12 8.69
CA LEU A 280 0.20 0.49 9.50
C LEU A 280 -0.16 1.92 9.88
N PHE A 281 0.05 2.27 11.14
CA PHE A 281 -0.27 3.58 11.67
C PHE A 281 0.95 4.20 12.35
N GLN A 282 1.27 5.42 11.96
CA GLN A 282 2.42 6.14 12.51
C GLN A 282 2.06 7.00 13.74
N THR A 283 2.73 6.75 14.85
CA THR A 283 2.53 7.51 16.08
C THR A 283 3.76 8.39 16.28
N TYR A 284 3.65 9.41 17.14
CA TYR A 284 4.78 10.32 17.36
C TYR A 284 5.07 10.59 18.83
N TYR A 285 6.34 10.86 19.13
CA TYR A 285 6.75 11.18 20.50
C TYR A 285 6.21 12.57 20.81
N THR A 286 6.17 12.93 22.09
CA THR A 286 5.67 14.23 22.49
C THR A 286 6.47 15.32 21.76
N SER A 287 7.68 14.96 21.34
CA SER A 287 8.56 15.89 20.63
C SER A 287 8.19 16.04 19.15
N GLY A 288 7.06 15.44 18.76
CA GLY A 288 6.63 15.54 17.38
C GLY A 288 7.42 14.63 16.45
N LYS A 289 8.56 14.12 16.92
CA LYS A 289 9.40 13.24 16.12
C LYS A 289 8.71 11.90 15.92
N PRO A 290 8.92 11.27 14.75
CA PRO A 290 8.31 9.97 14.44
C PRO A 290 8.92 8.82 15.24
N PHE A 291 8.08 7.86 15.60
CA PHE A 291 8.57 6.69 16.32
C PHE A 291 9.42 5.94 15.32
N PRO A 292 10.34 5.11 15.78
CA PRO A 292 11.17 4.37 14.82
C PRO A 292 10.36 3.64 13.75
N LYS A 293 9.25 3.02 14.16
CA LYS A 293 8.42 2.28 13.22
C LYS A 293 6.93 2.50 13.45
N CYS A 294 6.11 2.04 12.49
CA CYS A 294 4.66 2.17 12.58
C CYS A 294 4.07 0.99 13.35
N GLU A 295 2.89 1.20 13.90
CA GLU A 295 2.22 0.16 14.65
C GLU A 295 1.39 -0.69 13.71
N VAL A 296 1.44 -2.02 13.91
CA VAL A 296 0.67 -2.93 13.09
C VAL A 296 -0.75 -2.96 13.60
N ARG A 297 -1.64 -2.39 12.81
CA ARG A 297 -3.05 -2.28 13.14
C ARG A 297 -3.80 -3.60 13.01
N ILE A 298 -3.15 -4.69 13.42
CA ILE A 298 -3.76 -6.02 13.39
C ILE A 298 -3.37 -6.72 14.68
N ARG A 299 -4.37 -7.00 15.52
CA ARG A 299 -4.13 -7.66 16.79
C ARG A 299 -4.89 -8.97 16.85
N GLU A 300 -4.50 -9.85 17.79
CA GLU A 300 -5.20 -11.13 17.89
C GLU A 300 -6.45 -10.98 18.74
N SER A 301 -7.37 -11.91 18.54
CA SER A 301 -8.64 -11.92 19.26
C SER A 301 -9.22 -13.30 19.17
N GLU A 302 -10.30 -13.53 19.89
CA GLU A 302 -10.95 -14.82 19.87
C GLU A 302 -11.80 -14.91 18.60
N ASP A 303 -12.17 -13.75 18.07
CA ASP A 303 -13.00 -13.69 16.87
C ASP A 303 -12.22 -13.08 15.72
N ASN A 304 -12.64 -13.37 14.51
CA ASN A 304 -11.99 -12.80 13.33
C ASN A 304 -12.76 -11.56 12.91
N ILE A 305 -12.09 -10.42 12.85
CA ILE A 305 -12.76 -9.18 12.49
C ILE A 305 -12.00 -8.35 11.46
N LEU A 306 -12.73 -7.76 10.54
CA LEU A 306 -12.18 -6.89 9.53
C LEU A 306 -13.00 -5.62 9.68
N GLY A 307 -12.33 -4.56 10.09
CA GLY A 307 -13.02 -3.29 10.28
C GLY A 307 -12.60 -2.22 9.27
N ASP A 308 -12.72 -0.97 9.68
CA ASP A 308 -12.39 0.16 8.82
C ASP A 308 -11.10 0.10 8.01
N ASN A 309 -10.00 -0.37 8.60
CA ASN A 309 -8.76 -0.41 7.84
C ASN A 309 -8.85 -1.39 6.69
N PHE A 310 -9.86 -2.25 6.72
CA PHE A 310 -10.08 -3.20 5.65
C PHE A 310 -11.16 -2.67 4.70
N LEU A 311 -12.32 -2.39 5.27
CA LEU A 311 -13.47 -1.93 4.50
C LEU A 311 -13.22 -0.72 3.58
N ARG A 312 -12.34 0.19 3.98
CA ARG A 312 -12.09 1.35 3.14
C ARG A 312 -11.58 0.89 1.77
N SER A 313 -11.10 -0.34 1.71
CA SER A 313 -10.59 -0.88 0.47
C SER A 313 -11.66 -1.58 -0.34
N ALA A 314 -12.91 -1.49 0.10
CA ALA A 314 -13.99 -2.15 -0.63
C ALA A 314 -15.32 -1.41 -0.57
N TYR A 315 -16.25 -1.82 -1.43
CA TYR A 315 -17.60 -1.25 -1.46
C TYR A 315 -18.39 -2.40 -0.88
N VAL A 316 -19.08 -2.15 0.21
CA VAL A 316 -19.79 -3.22 0.89
C VAL A 316 -21.30 -3.04 0.93
N VAL A 317 -22.02 -3.98 0.32
CA VAL A 317 -23.47 -3.93 0.28
C VAL A 317 -24.06 -5.01 1.18
N TYR A 318 -24.58 -4.59 2.32
CA TYR A 318 -25.18 -5.49 3.28
C TYR A 318 -26.67 -5.66 3.01
N ASN A 319 -27.09 -6.86 2.65
CA ASN A 319 -28.50 -7.10 2.39
C ASN A 319 -28.96 -8.04 3.50
N LEU A 320 -29.50 -7.45 4.55
CA LEU A 320 -29.96 -8.21 5.70
C LEU A 320 -31.16 -9.11 5.39
N ASP A 321 -32.13 -8.59 4.66
CA ASP A 321 -33.29 -9.41 4.33
C ASP A 321 -32.91 -10.65 3.51
N ASP A 322 -32.04 -10.49 2.52
CA ASP A 322 -31.63 -11.63 1.70
C ASP A 322 -30.41 -12.36 2.29
N LYS A 323 -30.10 -12.06 3.54
CA LYS A 323 -29.00 -12.69 4.27
C LYS A 323 -27.75 -12.90 3.41
N LYS A 324 -27.26 -11.80 2.84
CA LYS A 324 -26.07 -11.88 2.02
C LYS A 324 -25.34 -10.54 2.01
N ILE A 325 -24.04 -10.60 1.79
CA ILE A 325 -23.22 -9.39 1.74
C ILE A 325 -22.48 -9.45 0.43
N SER A 326 -22.49 -8.35 -0.31
CA SER A 326 -21.82 -8.31 -1.59
C SER A 326 -20.68 -7.35 -1.51
N MET A 327 -19.55 -7.68 -2.13
CA MET A 327 -18.37 -6.82 -2.10
C MET A 327 -17.66 -6.74 -3.43
N ALA A 328 -16.82 -5.72 -3.56
CA ALA A 328 -16.05 -5.48 -4.77
C ALA A 328 -14.97 -4.47 -4.44
N PRO A 329 -13.82 -4.54 -5.10
CA PRO A 329 -12.80 -3.54 -4.78
C PRO A 329 -13.41 -2.18 -5.05
N VAL A 330 -13.06 -1.23 -4.20
CA VAL A 330 -13.62 0.12 -4.31
C VAL A 330 -12.99 0.99 -5.41
N LYS A 331 -13.72 2.03 -5.79
CA LYS A 331 -13.28 3.01 -6.78
C LYS A 331 -13.64 4.35 -6.17
N TYR A 332 -12.63 5.16 -5.82
CA TYR A 332 -12.89 6.46 -5.21
C TYR A 332 -13.33 7.55 -6.20
N THR A 333 -14.58 7.99 -6.10
CA THR A 333 -15.12 9.01 -6.99
C THR A 333 -16.28 9.84 -6.38
N SER A 334 -16.39 11.09 -6.82
CA SER A 334 -17.47 11.95 -6.36
C SER A 334 -18.69 11.55 -7.19
N GLU A 335 -18.41 11.08 -8.41
CA GLU A 335 -19.46 10.64 -9.31
C GLU A 335 -20.30 9.57 -8.64
N SER A 336 -21.57 9.49 -9.01
CA SER A 336 -22.46 8.49 -8.43
C SER A 336 -23.57 8.12 -9.38
N ASP A 337 -23.98 6.86 -9.31
CA ASP A 337 -25.05 6.29 -10.12
C ASP A 337 -25.75 5.29 -9.21
N ILE A 338 -26.67 5.81 -8.39
CA ILE A 338 -27.38 5.00 -7.42
C ILE A 338 -28.66 4.30 -7.91
N VAL A 339 -28.78 3.03 -7.56
CA VAL A 339 -29.97 2.25 -7.91
C VAL A 339 -30.46 1.56 -6.65
N ALA A 340 -31.73 1.18 -6.66
CA ALA A 340 -32.29 0.52 -5.50
C ALA A 340 -31.74 -0.88 -5.34
N ILE A 341 -31.73 -1.37 -4.11
CA ILE A 341 -31.28 -2.72 -3.83
C ILE A 341 -32.55 -3.53 -4.00
N ASN A 342 -32.54 -4.48 -4.92
CA ASN A 342 -33.73 -5.30 -5.18
C ASN A 342 -33.71 -6.66 -4.48
N GLY B 1 27.15 -22.28 -13.06
CA GLY B 1 25.71 -22.04 -13.30
C GLY B 1 25.27 -20.67 -12.81
N PRO B 2 24.03 -20.55 -12.32
CA PRO B 2 23.49 -19.30 -11.80
C PRO B 2 24.43 -18.58 -10.85
N VAL B 3 24.60 -17.28 -11.05
CA VAL B 3 25.47 -16.50 -10.18
C VAL B 3 24.60 -15.58 -9.34
N ALA B 4 24.43 -15.93 -8.06
CA ALA B 4 23.62 -15.15 -7.14
C ALA B 4 24.43 -14.01 -6.53
N VAL B 5 23.93 -12.79 -6.65
CA VAL B 5 24.62 -11.62 -6.12
C VAL B 5 23.73 -10.88 -5.14
N THR B 6 24.31 -10.49 -4.01
CA THR B 6 23.60 -9.74 -2.99
C THR B 6 23.53 -8.28 -3.39
N LEU B 7 22.33 -7.72 -3.41
CA LEU B 7 22.16 -6.31 -3.74
C LEU B 7 21.98 -5.56 -2.42
N HIS B 8 22.75 -4.49 -2.26
CA HIS B 8 22.67 -3.68 -1.06
C HIS B 8 21.84 -2.44 -1.31
N ASN B 9 20.58 -2.51 -0.88
CA ASN B 9 19.65 -1.41 -1.03
C ASN B 9 20.14 -0.21 -0.22
N GLU B 10 20.60 0.82 -0.92
CA GLU B 10 21.11 1.99 -0.22
C GLU B 10 20.14 3.17 -0.16
N ALA B 11 18.86 2.90 -0.36
CA ALA B 11 17.80 3.90 -0.29
C ALA B 11 17.50 4.75 -1.53
N ILE B 12 18.32 4.64 -2.56
CA ILE B 12 18.07 5.39 -3.78
C ILE B 12 18.70 4.57 -4.89
N THR B 13 19.12 3.38 -4.54
CA THR B 13 19.75 2.55 -5.53
C THR B 13 19.90 1.11 -5.04
N TYR B 14 20.75 0.35 -5.73
CA TYR B 14 21.01 -1.03 -5.36
C TYR B 14 22.39 -1.39 -5.89
N THR B 15 23.29 -1.72 -4.97
CA THR B 15 24.66 -2.05 -5.31
C THR B 15 25.06 -3.50 -5.12
N ALA B 16 26.22 -3.84 -5.64
CA ALA B 16 26.76 -5.19 -5.52
C ALA B 16 28.28 -5.06 -5.33
N ASP B 17 28.85 -6.01 -4.59
CA ASP B 17 30.28 -6.00 -4.35
C ASP B 17 30.96 -6.74 -5.48
N ILE B 18 32.03 -6.17 -5.99
CA ILE B 18 32.76 -6.81 -7.06
C ILE B 18 34.24 -6.69 -6.79
N THR B 19 35.05 -7.43 -7.55
CA THR B 19 36.50 -7.37 -7.41
C THR B 19 37.08 -7.13 -8.79
N VAL B 20 38.15 -6.35 -8.85
CA VAL B 20 38.79 -6.05 -10.13
C VAL B 20 40.30 -6.19 -10.01
N GLY B 21 40.92 -6.83 -11.00
CA GLY B 21 42.36 -6.99 -11.01
C GLY B 21 42.95 -8.25 -10.41
N SER B 22 44.19 -8.54 -10.77
CA SER B 22 44.87 -9.73 -10.26
C SER B 22 45.01 -9.61 -8.75
N ASP B 23 44.84 -8.40 -8.23
CA ASP B 23 44.93 -8.18 -6.79
C ASP B 23 43.52 -8.04 -6.16
N ASN B 24 42.50 -8.31 -6.97
CA ASN B 24 41.11 -8.27 -6.52
C ASN B 24 40.68 -7.01 -5.78
N GLN B 25 40.91 -5.84 -6.36
CA GLN B 25 40.52 -4.59 -5.69
C GLN B 25 39.02 -4.62 -5.44
N LYS B 26 38.64 -4.39 -4.19
CA LYS B 26 37.24 -4.40 -3.83
C LYS B 26 36.55 -3.09 -4.17
N LEU B 27 35.37 -3.19 -4.76
CA LEU B 27 34.58 -2.01 -5.09
C LEU B 27 33.11 -2.36 -5.05
N ASN B 28 32.30 -1.39 -4.66
CA ASN B 28 30.86 -1.55 -4.61
C ASN B 28 30.32 -0.68 -5.75
N VAL B 29 29.48 -1.26 -6.58
CA VAL B 29 28.94 -0.52 -7.71
C VAL B 29 27.41 -0.65 -7.81
N ILE B 30 26.80 0.33 -8.47
CA ILE B 30 25.37 0.37 -8.67
C ILE B 30 25.01 -0.58 -9.82
N VAL B 31 24.08 -1.50 -9.59
CA VAL B 31 23.66 -2.42 -10.64
C VAL B 31 22.60 -1.67 -11.44
N ASP B 32 22.91 -1.41 -12.71
CA ASP B 32 22.03 -0.62 -13.56
C ASP B 32 21.58 -1.30 -14.85
N THR B 33 20.30 -1.69 -14.87
CA THR B 33 19.73 -2.34 -16.05
C THR B 33 19.53 -1.32 -17.17
N GLY B 34 19.60 -0.03 -16.83
CA GLY B 34 19.41 1.04 -17.80
C GLY B 34 20.70 1.59 -18.39
N SER B 35 21.75 0.79 -18.29
CA SER B 35 23.07 1.14 -18.79
C SER B 35 23.67 -0.17 -19.26
N SER B 36 24.81 -0.12 -19.94
CA SER B 36 25.40 -1.36 -20.43
C SER B 36 26.91 -1.42 -20.22
N ASP B 37 27.48 -0.35 -19.67
CA ASP B 37 28.90 -0.31 -19.42
C ASP B 37 29.20 -0.36 -17.94
N LEU B 38 30.28 -1.05 -17.61
CA LEU B 38 30.75 -1.13 -16.23
C LEU B 38 31.83 -0.07 -16.11
N TRP B 39 31.76 0.77 -15.07
CA TRP B 39 32.82 1.73 -14.89
C TRP B 39 33.07 1.93 -13.40
N ILE B 40 34.34 1.98 -13.03
CA ILE B 40 34.73 2.17 -11.65
C ILE B 40 35.62 3.41 -11.51
N PRO B 41 35.59 4.08 -10.35
CA PRO B 41 36.41 5.28 -10.13
C PRO B 41 37.90 4.97 -9.98
N ASP B 42 38.74 5.85 -10.53
CA ASP B 42 40.19 5.67 -10.45
C ASP B 42 40.71 6.12 -9.09
N SER B 43 41.91 5.68 -8.74
CA SER B 43 42.52 6.03 -7.46
C SER B 43 42.37 7.51 -7.15
N ASN B 44 42.69 8.36 -8.13
CA ASN B 44 42.59 9.80 -7.94
C ASN B 44 41.43 10.40 -8.73
N VAL B 45 40.29 9.72 -8.73
CA VAL B 45 39.15 10.23 -9.47
C VAL B 45 38.65 11.54 -8.88
N ILE B 46 38.28 12.46 -9.74
CA ILE B 46 37.75 13.74 -9.28
C ILE B 46 36.23 13.58 -9.20
N CYS B 47 35.69 13.66 -7.98
CA CYS B 47 34.24 13.54 -7.79
C CYS B 47 33.58 14.90 -7.84
N ILE B 48 32.87 15.19 -8.93
CA ILE B 48 32.21 16.47 -9.06
C ILE B 48 30.89 16.51 -8.31
N PRO B 49 30.70 17.54 -7.46
CA PRO B 49 29.46 17.67 -6.69
C PRO B 49 28.24 17.92 -7.57
N LYS B 50 27.18 17.15 -7.33
CA LYS B 50 25.93 17.31 -8.08
C LYS B 50 24.81 17.57 -7.09
N TRP B 51 24.78 16.76 -6.05
CA TRP B 51 23.79 16.87 -4.98
C TRP B 51 24.33 17.87 -3.97
N ARG B 52 23.46 18.57 -3.27
CA ARG B 52 23.90 19.52 -2.26
C ARG B 52 24.39 18.71 -1.07
N GLY B 53 25.64 18.95 -0.68
CA GLY B 53 26.22 18.22 0.43
C GLY B 53 27.45 17.47 -0.03
N ASP B 54 27.54 17.23 -1.34
CA ASP B 54 28.70 16.53 -1.91
C ASP B 54 29.97 17.31 -1.64
N LYS B 55 31.02 16.59 -1.25
CA LYS B 55 32.32 17.19 -0.95
C LYS B 55 33.34 16.08 -0.71
N GLY B 56 34.59 16.36 -1.06
CA GLY B 56 35.63 15.36 -0.89
C GLY B 56 35.47 14.26 -1.92
N ASP B 57 35.80 13.02 -1.55
CA ASP B 57 35.67 11.91 -2.47
C ASP B 57 34.37 11.15 -2.21
N PHE B 58 33.23 11.82 -2.39
CA PHE B 58 31.95 11.17 -2.15
C PHE B 58 31.69 10.07 -3.18
N CYS B 59 32.53 9.96 -4.21
CA CYS B 59 32.32 8.92 -5.22
C CYS B 59 33.30 7.77 -5.14
N LYS B 60 34.35 7.90 -4.34
CA LYS B 60 35.30 6.81 -4.22
C LYS B 60 35.13 6.14 -2.86
N SER B 61 34.01 6.43 -2.21
CA SER B 61 33.72 5.87 -0.90
C SER B 61 33.50 4.35 -1.00
N ALA B 62 33.11 3.89 -2.19
CA ALA B 62 32.87 2.47 -2.41
C ALA B 62 34.07 1.77 -3.02
N GLY B 63 35.25 2.38 -2.88
CA GLY B 63 36.45 1.78 -3.44
C GLY B 63 36.87 2.47 -4.71
N SER B 64 38.07 2.15 -5.18
CA SER B 64 38.60 2.74 -6.40
C SER B 64 39.52 1.74 -7.10
N TYR B 65 39.80 2.00 -8.38
CA TYR B 65 40.63 1.12 -9.19
C TYR B 65 42.02 1.67 -9.45
N SER B 66 43.01 0.79 -9.32
CA SER B 66 44.39 1.15 -9.54
C SER B 66 44.99 0.20 -10.57
N PRO B 67 44.94 0.60 -11.86
CA PRO B 67 45.48 -0.20 -12.97
C PRO B 67 46.86 -0.77 -12.65
N ALA B 68 47.70 0.06 -12.07
CA ALA B 68 49.06 -0.34 -11.72
C ALA B 68 49.17 -1.57 -10.81
N SER B 69 48.42 -1.58 -9.71
CA SER B 69 48.50 -2.68 -8.77
C SER B 69 47.94 -4.00 -9.32
N SER B 70 47.43 -3.97 -10.53
CA SER B 70 46.87 -5.15 -11.16
C SER B 70 47.82 -5.64 -12.25
N ARG B 71 48.40 -6.82 -12.05
CA ARG B 71 49.33 -7.38 -13.02
C ARG B 71 48.67 -7.60 -14.36
N THR B 72 47.40 -7.97 -14.33
CA THR B 72 46.66 -8.25 -15.54
C THR B 72 45.93 -7.08 -16.18
N SER B 73 46.09 -5.88 -15.62
CA SER B 73 45.41 -4.72 -16.20
C SER B 73 45.88 -4.47 -17.64
N GLN B 74 44.93 -4.26 -18.53
CA GLN B 74 45.22 -4.02 -19.94
C GLN B 74 44.64 -2.67 -20.35
N ASN B 75 45.52 -1.77 -20.79
CA ASN B 75 45.12 -0.43 -21.21
C ASN B 75 44.77 -0.46 -22.69
N LEU B 76 43.56 -0.02 -23.02
CA LEU B 76 43.09 -0.01 -24.40
C LEU B 76 43.26 1.37 -25.05
N ASN B 77 43.93 2.28 -24.35
CA ASN B 77 44.18 3.63 -24.85
C ASN B 77 42.98 4.17 -25.63
N THR B 78 41.83 4.22 -24.96
CA THR B 78 40.60 4.69 -25.60
C THR B 78 39.78 5.47 -24.57
N ARG B 79 39.26 6.61 -24.99
CA ARG B 79 38.46 7.43 -24.11
C ARG B 79 37.02 6.96 -24.05
N PHE B 80 36.44 7.07 -22.86
CA PHE B 80 35.08 6.67 -22.59
C PHE B 80 34.32 7.86 -22.02
N ASP B 81 33.08 8.03 -22.45
CA ASP B 81 32.21 9.11 -21.98
C ASP B 81 30.78 8.61 -21.96
N ILE B 82 30.11 8.82 -20.84
CA ILE B 82 28.75 8.37 -20.69
C ILE B 82 27.97 9.38 -19.87
N LYS B 83 26.76 9.69 -20.32
CA LYS B 83 25.88 10.64 -19.62
C LYS B 83 24.66 9.86 -19.15
N TYR B 84 24.04 10.34 -18.07
CA TYR B 84 22.86 9.66 -17.53
C TYR B 84 21.64 10.57 -17.44
N GLY B 85 20.47 9.95 -17.39
CA GLY B 85 19.22 10.68 -17.34
C GLY B 85 19.09 11.76 -16.29
N ASP B 86 19.82 11.63 -15.18
CA ASP B 86 19.77 12.62 -14.12
C ASP B 86 20.78 13.74 -14.30
N GLY B 87 21.43 13.79 -15.46
CA GLY B 87 22.43 14.82 -15.71
C GLY B 87 23.82 14.38 -15.27
N SER B 88 23.87 13.34 -14.45
CA SER B 88 25.12 12.80 -13.94
C SER B 88 25.95 12.30 -15.13
N TYR B 89 27.24 12.10 -14.93
CA TYR B 89 28.11 11.61 -16.01
C TYR B 89 29.44 11.07 -15.49
N ALA B 90 30.17 10.40 -16.37
CA ALA B 90 31.48 9.84 -16.04
C ALA B 90 32.36 9.92 -17.28
N LYS B 91 33.65 10.11 -17.07
CA LYS B 91 34.64 10.18 -18.16
C LYS B 91 35.85 9.37 -17.72
N GLY B 92 36.40 8.59 -18.65
CA GLY B 92 37.54 7.78 -18.29
C GLY B 92 38.22 7.12 -19.47
N LYS B 93 38.95 6.06 -19.18
CA LYS B 93 39.67 5.34 -20.22
C LYS B 93 39.27 3.86 -20.15
N LEU B 94 39.21 3.22 -21.32
CA LEU B 94 38.83 1.83 -21.37
C LEU B 94 40.00 0.92 -20.97
N TYR B 95 39.66 -0.18 -20.33
CA TYR B 95 40.64 -1.14 -19.86
C TYR B 95 40.00 -2.52 -19.90
N LYS B 96 40.83 -3.55 -19.89
CA LYS B 96 40.31 -4.91 -19.81
C LYS B 96 41.02 -5.51 -18.59
N ASP B 97 40.27 -6.20 -17.74
CA ASP B 97 40.87 -6.83 -16.59
C ASP B 97 39.95 -7.89 -16.04
N THR B 98 40.44 -8.66 -15.07
CA THR B 98 39.63 -9.70 -14.46
C THR B 98 38.64 -9.06 -13.50
N VAL B 99 37.38 -9.45 -13.64
CA VAL B 99 36.32 -8.94 -12.78
C VAL B 99 35.65 -10.12 -12.09
N GLY B 100 35.49 -10.01 -10.78
CA GLY B 100 34.83 -11.07 -10.05
C GLY B 100 33.55 -10.57 -9.44
N ILE B 101 32.55 -11.45 -9.34
CA ILE B 101 31.28 -11.11 -8.74
C ILE B 101 30.60 -12.39 -8.32
N GLY B 102 29.94 -12.37 -7.17
CA GLY B 102 29.25 -13.55 -6.67
C GLY B 102 30.09 -14.82 -6.64
N GLY B 103 31.38 -14.68 -6.34
CA GLY B 103 32.27 -15.84 -6.27
C GLY B 103 32.73 -16.39 -7.61
N VAL B 104 32.49 -15.65 -8.69
CA VAL B 104 32.88 -16.06 -10.03
C VAL B 104 33.82 -15.02 -10.65
N SER B 105 34.54 -15.42 -11.70
CA SER B 105 35.47 -14.52 -12.36
C SER B 105 35.32 -14.55 -13.87
N VAL B 106 35.40 -13.37 -14.48
CA VAL B 106 35.30 -13.23 -15.91
C VAL B 106 36.58 -12.59 -16.43
N ARG B 107 37.29 -13.29 -17.31
CA ARG B 107 38.55 -12.78 -17.85
C ARG B 107 38.36 -11.73 -18.93
N ASP B 108 39.33 -10.81 -19.01
CA ASP B 108 39.34 -9.72 -20.00
C ASP B 108 38.04 -8.96 -20.18
N GLN B 109 37.43 -8.55 -19.08
CA GLN B 109 36.20 -7.79 -19.12
C GLN B 109 36.49 -6.34 -19.44
N LEU B 110 35.93 -5.88 -20.55
CA LEU B 110 36.10 -4.50 -20.98
C LEU B 110 35.40 -3.66 -19.92
N PHE B 111 36.06 -2.62 -19.42
CA PHE B 111 35.43 -1.76 -18.43
C PHE B 111 36.10 -0.42 -18.47
N ALA B 112 35.44 0.60 -17.91
CA ALA B 112 35.99 1.95 -17.92
C ALA B 112 36.55 2.44 -16.59
N ASN B 113 37.80 2.88 -16.62
CA ASN B 113 38.43 3.45 -15.44
C ASN B 113 38.15 4.94 -15.57
N VAL B 114 37.30 5.45 -14.69
CA VAL B 114 36.89 6.86 -14.73
C VAL B 114 37.69 7.85 -13.91
N TRP B 115 38.10 8.94 -14.55
CA TRP B 115 38.88 9.97 -13.88
C TRP B 115 38.02 11.15 -13.40
N SER B 116 36.79 11.24 -13.90
CA SER B 116 35.92 12.35 -13.54
C SER B 116 34.45 11.93 -13.53
N THR B 117 33.75 12.18 -12.43
CA THR B 117 32.33 11.81 -12.34
C THR B 117 31.49 12.58 -11.32
N SER B 118 30.20 12.69 -11.62
CA SER B 118 29.26 13.37 -10.73
C SER B 118 28.26 12.33 -10.20
N ALA B 119 28.51 11.06 -10.53
CA ALA B 119 27.65 9.96 -10.08
C ALA B 119 27.95 9.68 -8.60
N ARG B 120 27.14 8.83 -7.95
CA ARG B 120 27.35 8.50 -6.54
C ARG B 120 28.55 7.57 -6.39
N LYS B 121 28.67 6.63 -7.31
CA LYS B 121 29.75 5.66 -7.30
C LYS B 121 29.84 4.91 -8.64
N GLY B 122 30.77 3.98 -8.73
CA GLY B 122 30.92 3.21 -9.95
C GLY B 122 29.61 2.51 -10.30
N ILE B 123 29.28 2.51 -11.59
CA ILE B 123 28.05 1.88 -12.09
C ILE B 123 28.32 0.66 -12.97
N LEU B 124 27.63 -0.44 -12.70
CA LEU B 124 27.76 -1.66 -13.48
C LEU B 124 26.57 -1.83 -14.43
N GLY B 125 26.73 -1.37 -15.68
CA GLY B 125 25.66 -1.49 -16.65
C GLY B 125 25.54 -2.90 -17.20
N ILE B 126 24.32 -3.45 -17.17
CA ILE B 126 24.12 -4.82 -17.66
C ILE B 126 23.10 -4.96 -18.77
N GLY B 127 22.84 -3.86 -19.48
CA GLY B 127 21.87 -3.89 -20.57
C GLY B 127 22.35 -4.56 -21.84
N PHE B 128 21.66 -4.28 -22.94
CA PHE B 128 21.99 -4.83 -24.26
C PHE B 128 23.37 -4.36 -24.67
N GLN B 129 24.00 -5.14 -25.54
CA GLN B 129 25.31 -4.81 -26.06
C GLN B 129 25.15 -3.55 -26.91
N SER B 130 24.17 -3.56 -27.80
CA SER B 130 23.94 -2.42 -28.67
C SER B 130 23.66 -1.16 -27.85
N GLY B 131 23.61 -1.30 -26.54
CA GLY B 131 23.34 -0.16 -25.69
C GLY B 131 24.59 0.36 -25.01
N GLU B 132 25.74 -0.04 -25.51
CA GLU B 132 27.00 0.41 -24.92
C GLU B 132 27.31 1.85 -25.32
N ALA B 133 27.78 2.65 -24.37
CA ALA B 133 28.09 4.05 -24.61
C ALA B 133 29.40 4.13 -25.38
N THR B 134 29.91 2.96 -25.74
CA THR B 134 31.15 2.87 -26.48
C THR B 134 30.84 3.03 -27.97
N GLU B 135 31.83 3.54 -28.73
CA GLU B 135 31.66 3.75 -30.16
C GLU B 135 31.66 2.46 -30.96
N PHE B 136 31.56 1.33 -30.26
CA PHE B 136 31.57 0.05 -30.94
C PHE B 136 30.80 -1.02 -30.18
N ASP B 137 31.18 -2.27 -30.42
CA ASP B 137 30.56 -3.43 -29.78
C ASP B 137 31.59 -4.22 -28.99
N TYR B 138 31.23 -4.59 -27.77
CA TYR B 138 32.10 -5.39 -26.91
C TYR B 138 31.24 -6.19 -25.96
N ASP B 139 31.84 -7.12 -25.25
CA ASP B 139 31.07 -7.94 -24.33
C ASP B 139 31.03 -7.34 -22.93
N ASN B 140 29.86 -6.88 -22.49
CA ASN B 140 29.74 -6.36 -21.12
C ASN B 140 29.52 -7.60 -20.25
N LEU B 141 29.35 -7.48 -18.94
CA LEU B 141 29.26 -8.71 -18.14
C LEU B 141 28.16 -9.73 -18.43
N PRO B 142 26.97 -9.30 -18.87
CA PRO B 142 25.96 -10.35 -19.13
C PRO B 142 26.49 -11.29 -20.22
N ILE B 143 27.10 -10.71 -21.24
CA ILE B 143 27.63 -11.47 -22.35
C ILE B 143 28.88 -12.25 -21.98
N SER B 144 29.83 -11.60 -21.31
CA SER B 144 31.06 -12.26 -20.92
C SER B 144 30.83 -13.45 -19.99
N LEU B 145 29.70 -13.43 -19.29
CA LEU B 145 29.37 -14.51 -18.39
C LEU B 145 28.83 -15.75 -19.10
N ARG B 146 28.29 -15.58 -20.31
CA ARG B 146 27.79 -16.74 -21.04
C ARG B 146 28.91 -17.27 -21.91
N ASN B 147 29.66 -16.37 -22.53
CA ASN B 147 30.77 -16.75 -23.39
C ASN B 147 31.82 -17.57 -22.67
N GLN B 148 32.02 -17.29 -21.39
CA GLN B 148 33.01 -18.03 -20.60
C GLN B 148 32.42 -19.25 -19.89
N GLY B 149 31.22 -19.64 -20.32
CA GLY B 149 30.55 -20.82 -19.78
C GLY B 149 30.04 -20.83 -18.35
N ILE B 150 29.88 -19.65 -17.74
CA ILE B 150 29.38 -19.57 -16.37
C ILE B 150 27.84 -19.58 -16.38
N ILE B 151 27.24 -19.02 -17.42
CA ILE B 151 25.78 -18.99 -17.52
C ILE B 151 25.35 -19.32 -18.95
N GLY B 152 24.21 -20.02 -19.07
CA GLY B 152 23.70 -20.43 -20.36
C GLY B 152 23.32 -19.34 -21.35
N LYS B 153 22.68 -18.28 -20.84
CA LYS B 153 22.26 -17.17 -21.70
C LYS B 153 22.41 -15.84 -20.97
N ALA B 154 22.56 -14.77 -21.74
CA ALA B 154 22.70 -13.43 -21.18
C ALA B 154 21.35 -13.05 -20.60
N ALA B 155 21.17 -13.35 -19.32
CA ALA B 155 19.91 -13.07 -18.65
C ALA B 155 20.17 -13.01 -17.17
N TYR B 156 19.29 -12.33 -16.44
CA TYR B 156 19.43 -12.23 -15.00
C TYR B 156 18.09 -11.89 -14.37
N SER B 157 17.81 -12.48 -13.22
CA SER B 157 16.56 -12.23 -12.52
C SER B 157 16.81 -11.17 -11.45
N LEU B 158 15.97 -10.14 -11.46
CA LEU B 158 16.10 -9.05 -10.50
C LEU B 158 15.10 -9.12 -9.34
N TYR B 159 15.62 -9.33 -8.13
CA TYR B 159 14.79 -9.40 -6.94
C TYR B 159 15.16 -8.29 -5.96
N LEU B 160 14.64 -7.11 -6.19
CA LEU B 160 14.87 -6.00 -5.28
C LEU B 160 13.86 -6.34 -4.20
N ASN B 161 14.30 -6.52 -2.98
CA ASN B 161 13.38 -6.88 -1.91
C ASN B 161 12.32 -5.79 -1.67
N SER B 162 11.70 -5.82 -0.51
CA SER B 162 10.70 -4.81 -0.21
C SER B 162 11.44 -3.58 0.31
N ALA B 163 10.74 -2.45 0.35
CA ALA B 163 11.30 -1.18 0.77
C ALA B 163 12.14 -1.16 2.05
N GLU B 164 11.76 -1.92 3.07
CA GLU B 164 12.52 -1.93 4.32
C GLU B 164 13.68 -2.92 4.34
N ALA B 165 13.67 -3.89 3.41
CA ALA B 165 14.72 -4.88 3.37
C ALA B 165 16.07 -4.23 3.18
N SER B 166 17.09 -4.78 3.81
CA SER B 166 18.44 -4.24 3.71
C SER B 166 19.13 -4.78 2.47
N THR B 167 18.82 -6.02 2.09
CA THR B 167 19.44 -6.63 0.93
C THR B 167 18.44 -7.11 -0.08
N GLY B 168 18.92 -7.24 -1.33
CA GLY B 168 18.11 -7.72 -2.42
C GLY B 168 18.90 -8.83 -3.10
N GLN B 169 18.45 -9.30 -4.26
CA GLN B 169 19.16 -10.36 -4.93
C GLN B 169 19.00 -10.27 -6.45
N ILE B 170 20.09 -10.48 -7.16
CA ILE B 170 20.04 -10.46 -8.62
C ILE B 170 20.73 -11.77 -9.00
N ILE B 171 20.13 -12.53 -9.90
CA ILE B 171 20.72 -13.79 -10.29
C ILE B 171 20.98 -13.88 -11.79
N PHE B 172 22.25 -14.03 -12.14
CA PHE B 172 22.66 -14.14 -13.54
C PHE B 172 22.50 -15.56 -14.03
N GLY B 173 21.70 -15.73 -15.08
CA GLY B 173 21.47 -17.05 -15.63
C GLY B 173 20.61 -17.90 -14.73
N GLY B 174 20.02 -17.29 -13.71
CA GLY B 174 19.16 -18.05 -12.80
C GLY B 174 17.92 -17.36 -12.28
N ILE B 175 16.93 -18.17 -11.89
CA ILE B 175 15.67 -17.68 -11.34
C ILE B 175 15.41 -18.39 -10.01
N ASP B 176 14.88 -17.63 -9.04
CA ASP B 176 14.57 -18.18 -7.72
C ASP B 176 13.04 -18.40 -7.65
N LYS B 177 12.59 -19.57 -8.07
CA LYS B 177 11.15 -19.91 -8.10
C LYS B 177 10.39 -19.55 -6.85
N ALA B 178 11.09 -19.50 -5.72
CA ALA B 178 10.48 -19.20 -4.42
C ALA B 178 10.18 -17.72 -4.11
N LYS B 179 10.69 -16.82 -4.95
CA LYS B 179 10.50 -15.38 -4.72
C LYS B 179 9.28 -14.77 -5.40
N TYR B 180 8.44 -15.58 -6.03
CA TYR B 180 7.25 -15.00 -6.67
C TYR B 180 6.03 -15.88 -6.55
N SER B 181 4.89 -15.35 -7.00
CA SER B 181 3.62 -16.07 -6.96
C SER B 181 3.11 -16.30 -8.38
N GLY B 182 2.23 -17.27 -8.52
CA GLY B 182 1.69 -17.55 -9.85
C GLY B 182 2.80 -17.97 -10.79
N SER B 183 2.61 -17.74 -12.08
CA SER B 183 3.63 -18.12 -13.04
C SER B 183 4.11 -16.93 -13.87
N LEU B 184 5.43 -16.83 -13.99
CA LEU B 184 6.05 -15.77 -14.76
C LEU B 184 5.34 -15.65 -16.11
N VAL B 185 5.16 -14.40 -16.56
CA VAL B 185 4.53 -14.13 -17.85
C VAL B 185 5.57 -13.40 -18.71
N ASP B 186 5.73 -13.85 -19.95
CA ASP B 186 6.70 -13.25 -20.85
C ASP B 186 6.16 -12.03 -21.58
N LEU B 187 7.00 -10.99 -21.64
CA LEU B 187 6.65 -9.75 -22.34
C LEU B 187 7.78 -9.52 -23.32
N PRO B 188 7.44 -9.36 -24.61
CA PRO B 188 8.54 -9.12 -25.55
C PRO B 188 9.20 -7.75 -25.34
N ILE B 189 10.51 -7.70 -25.54
CA ILE B 189 11.26 -6.45 -25.40
C ILE B 189 11.03 -5.60 -26.63
N THR B 190 10.47 -4.42 -26.43
CA THR B 190 10.15 -3.53 -27.55
C THR B 190 11.21 -2.54 -27.98
N SER B 191 12.48 -2.82 -27.69
CA SER B 191 13.53 -1.92 -28.10
C SER B 191 14.76 -2.71 -28.50
N GLU B 192 15.55 -2.15 -29.40
CA GLU B 192 16.76 -2.85 -29.84
C GLU B 192 17.96 -2.44 -29.00
N LYS B 193 17.86 -1.32 -28.31
CA LYS B 193 18.96 -0.83 -27.49
C LYS B 193 18.64 -0.67 -25.99
N LYS B 194 17.37 -0.63 -25.64
CA LYS B 194 16.99 -0.46 -24.25
C LYS B 194 16.05 -1.54 -23.75
N LEU B 195 16.10 -1.82 -22.46
CA LEU B 195 15.25 -2.84 -21.86
C LEU B 195 13.86 -2.34 -21.58
N THR B 196 13.05 -2.29 -22.63
CA THR B 196 11.68 -1.80 -22.56
C THR B 196 10.63 -2.83 -22.95
N VAL B 197 9.41 -2.63 -22.45
CA VAL B 197 8.29 -3.50 -22.77
C VAL B 197 7.12 -2.56 -22.95
N GLY B 198 6.10 -3.04 -23.65
CA GLY B 198 4.93 -2.22 -23.87
C GLY B 198 4.06 -2.09 -22.63
N LEU B 199 3.56 -0.88 -22.41
CA LEU B 199 2.69 -0.58 -21.27
C LEU B 199 1.37 -0.15 -21.90
N ARG B 200 0.35 -0.99 -21.73
CA ARG B 200 -0.95 -0.70 -22.29
C ARG B 200 -1.69 0.37 -21.51
N SER B 201 -1.75 0.19 -20.19
CA SER B 201 -2.44 1.15 -19.35
C SER B 201 -1.90 1.18 -17.94
N VAL B 202 -2.36 2.18 -17.19
CA VAL B 202 -2.00 2.39 -15.80
C VAL B 202 -3.30 2.73 -15.14
N ASN B 203 -3.70 1.93 -14.15
CA ASN B 203 -4.95 2.20 -13.45
C ASN B 203 -4.62 2.65 -12.06
N VAL B 204 -4.99 3.87 -11.71
CA VAL B 204 -4.73 4.41 -10.39
C VAL B 204 -6.02 4.72 -9.66
N ARG B 205 -6.21 4.06 -8.53
CA ARG B 205 -7.40 4.26 -7.72
C ARG B 205 -8.63 4.42 -8.61
N GLY B 206 -8.88 3.45 -9.49
CA GLY B 206 -10.05 3.51 -10.33
C GLY B 206 -10.00 4.19 -11.68
N ARG B 207 -9.20 5.25 -11.81
CA ARG B 207 -9.11 5.96 -13.09
C ARG B 207 -8.15 5.24 -14.05
N ASN B 208 -8.65 4.91 -15.22
CA ASN B 208 -7.85 4.22 -16.22
C ASN B 208 -7.13 5.23 -17.07
N VAL B 209 -5.82 5.03 -17.22
CA VAL B 209 -5.00 5.92 -18.00
C VAL B 209 -4.38 5.14 -19.17
N ASP B 210 -4.85 5.40 -20.38
CA ASP B 210 -4.31 4.71 -21.54
C ASP B 210 -2.84 5.14 -21.70
N ALA B 211 -2.03 4.29 -22.30
CA ALA B 211 -0.63 4.65 -22.50
C ALA B 211 -0.15 4.16 -23.84
N ASN B 212 -0.46 2.89 -24.16
CA ASN B 212 -0.05 2.28 -25.42
C ASN B 212 1.32 2.81 -25.79
N THR B 213 2.26 2.63 -24.88
CA THR B 213 3.63 3.11 -25.06
C THR B 213 4.64 2.12 -24.48
N ASN B 214 5.90 2.54 -24.41
CA ASN B 214 6.96 1.67 -23.90
C ASN B 214 7.49 2.16 -22.55
N VAL B 215 7.87 1.21 -21.69
CA VAL B 215 8.42 1.58 -20.38
C VAL B 215 9.73 0.87 -20.10
N LEU B 216 10.70 1.63 -19.64
CA LEU B 216 11.99 1.06 -19.30
C LEU B 216 11.90 0.47 -17.90
N LEU B 217 12.29 -0.79 -17.76
CA LEU B 217 12.30 -1.48 -16.47
C LEU B 217 13.74 -1.33 -16.02
N ASP B 218 14.00 -0.26 -15.27
CA ASP B 218 15.36 0.07 -14.87
C ASP B 218 15.75 0.07 -13.40
N SER B 219 16.47 -0.98 -12.98
CA SER B 219 16.93 -1.07 -11.60
C SER B 219 17.64 0.24 -11.26
N GLY B 220 18.36 0.76 -12.25
CA GLY B 220 19.12 1.99 -12.09
C GLY B 220 18.38 3.30 -11.87
N THR B 221 17.05 3.26 -11.76
CA THR B 221 16.31 4.49 -11.50
C THR B 221 15.52 4.40 -10.20
N THR B 222 15.85 5.30 -9.26
CA THR B 222 15.21 5.34 -7.97
C THR B 222 13.70 5.36 -8.00
N ILE B 223 13.12 6.32 -8.72
CA ILE B 223 11.67 6.38 -8.79
C ILE B 223 11.14 5.95 -10.16
N SER B 224 10.03 6.53 -10.59
CA SER B 224 9.43 6.20 -11.88
C SER B 224 9.02 7.49 -12.58
N TYR B 225 8.92 7.44 -13.91
CA TYR B 225 8.55 8.62 -14.68
C TYR B 225 7.67 8.28 -15.87
N PHE B 226 6.92 9.27 -16.35
CA PHE B 226 6.07 9.08 -17.51
C PHE B 226 5.84 10.41 -18.20
N THR B 227 5.54 10.35 -19.49
CA THR B 227 5.25 11.54 -20.30
C THR B 227 4.18 12.33 -19.56
N ARG B 228 4.27 13.65 -19.61
CA ARG B 228 3.31 14.47 -18.88
C ARG B 228 1.83 14.13 -18.98
N SER B 229 1.36 13.75 -20.16
CA SER B 229 -0.05 13.41 -20.33
C SER B 229 -0.49 12.33 -19.34
N ILE B 230 0.31 11.28 -19.19
CA ILE B 230 -0.04 10.21 -18.27
C ILE B 230 0.29 10.51 -16.81
N VAL B 231 1.42 11.17 -16.53
CA VAL B 231 1.76 11.51 -15.15
C VAL B 231 0.72 12.49 -14.61
N ARG B 232 0.31 13.45 -15.44
CA ARG B 232 -0.70 14.42 -15.03
C ARG B 232 -1.92 13.67 -14.50
N ASN B 233 -2.39 12.70 -15.27
CA ASN B 233 -3.54 11.91 -14.88
C ASN B 233 -3.32 11.15 -13.58
N ILE B 234 -2.14 10.56 -13.43
CA ILE B 234 -1.82 9.80 -12.22
C ILE B 234 -1.86 10.74 -11.03
N LEU B 235 -1.30 11.94 -11.19
CA LEU B 235 -1.29 12.91 -10.11
C LEU B 235 -2.73 13.35 -9.72
N TYR B 236 -3.56 13.61 -10.73
CA TYR B 236 -4.95 14.01 -10.51
C TYR B 236 -5.73 12.91 -9.78
N ALA B 237 -5.50 11.66 -10.18
CA ALA B 237 -6.18 10.52 -9.58
C ALA B 237 -5.82 10.36 -8.10
N ILE B 238 -4.53 10.50 -7.79
CA ILE B 238 -4.05 10.39 -6.42
C ILE B 238 -4.53 11.59 -5.63
N GLY B 239 -4.96 12.61 -6.35
CA GLY B 239 -5.41 13.83 -5.70
C GLY B 239 -4.22 14.53 -5.08
N ALA B 240 -3.17 14.72 -5.87
CA ALA B 240 -1.94 15.35 -5.40
C ALA B 240 -1.93 16.87 -5.54
N GLN B 241 -1.19 17.52 -4.66
CA GLN B 241 -1.06 18.97 -4.65
C GLN B 241 0.35 19.34 -5.12
N MET B 242 0.52 20.58 -5.54
CA MET B 242 1.82 21.02 -5.99
C MET B 242 2.52 21.86 -4.93
N LYS B 243 3.84 21.89 -5.02
CA LYS B 243 4.64 22.67 -4.12
C LYS B 243 5.94 22.94 -4.85
N PHE B 244 6.80 23.75 -4.26
CA PHE B 244 8.09 24.07 -4.84
C PHE B 244 9.21 23.54 -3.97
N ASP B 245 10.17 22.86 -4.60
CA ASP B 245 11.33 22.29 -3.90
C ASP B 245 12.27 23.37 -3.42
N SER B 246 13.38 22.93 -2.83
CA SER B 246 14.41 23.83 -2.32
C SER B 246 15.06 24.60 -3.46
N ALA B 247 15.24 23.93 -4.59
CA ALA B 247 15.88 24.54 -5.76
C ALA B 247 14.91 25.37 -6.62
N GLY B 248 13.66 25.49 -6.17
CA GLY B 248 12.66 26.25 -6.90
C GLY B 248 11.92 25.39 -7.92
N ASN B 249 12.10 24.07 -7.79
CA ASN B 249 11.51 23.07 -8.67
C ASN B 249 10.07 22.66 -8.31
N LYS B 250 9.31 22.22 -9.31
CA LYS B 250 7.95 21.79 -9.09
C LYS B 250 7.90 20.29 -8.79
N VAL B 251 7.45 19.95 -7.59
CA VAL B 251 7.32 18.57 -7.15
C VAL B 251 5.89 18.41 -6.66
N TYR B 252 5.37 17.18 -6.69
CA TYR B 252 4.01 16.93 -6.25
C TYR B 252 3.95 16.19 -4.92
N VAL B 253 2.93 16.53 -4.13
CA VAL B 253 2.73 15.91 -2.83
C VAL B 253 1.28 15.45 -2.69
N ALA B 254 1.05 14.49 -1.81
CA ALA B 254 -0.29 13.96 -1.57
C ALA B 254 -0.33 13.53 -0.11
N ASP B 255 -1.52 13.25 0.39
CA ASP B 255 -1.66 12.81 1.78
C ASP B 255 -0.95 11.47 1.89
N CYS B 256 -0.07 11.35 2.86
CA CYS B 256 0.68 10.11 3.04
C CYS B 256 -0.18 8.88 3.32
N LYS B 257 -1.41 9.10 3.79
CA LYS B 257 -2.34 8.01 4.08
C LYS B 257 -3.16 7.59 2.87
N THR B 258 -3.00 8.29 1.75
CA THR B 258 -3.78 7.97 0.56
C THR B 258 -3.88 6.49 0.22
N SER B 259 -5.12 6.00 0.22
CA SER B 259 -5.38 4.60 -0.06
C SER B 259 -5.41 4.36 -1.57
N GLY B 260 -5.43 3.09 -1.95
CA GLY B 260 -5.48 2.76 -3.36
C GLY B 260 -4.24 2.05 -3.86
N THR B 261 -4.27 1.68 -5.13
CA THR B 261 -3.15 0.97 -5.71
C THR B 261 -2.99 1.40 -7.17
N ILE B 262 -1.80 1.19 -7.73
CA ILE B 262 -1.58 1.51 -9.14
C ILE B 262 -1.29 0.20 -9.89
N ASP B 263 -2.15 -0.14 -10.84
CA ASP B 263 -1.99 -1.37 -11.60
C ASP B 263 -1.52 -1.15 -13.03
N PHE B 264 -0.31 -1.61 -13.32
CA PHE B 264 0.25 -1.46 -14.65
C PHE B 264 -0.11 -2.64 -15.50
N GLN B 265 -0.80 -2.39 -16.60
CA GLN B 265 -1.20 -3.46 -17.51
C GLN B 265 -0.20 -3.57 -18.62
N PHE B 266 0.44 -4.73 -18.69
CA PHE B 266 1.41 -4.99 -19.73
C PHE B 266 0.71 -5.93 -20.70
N GLY B 267 1.33 -6.17 -21.85
CA GLY B 267 0.71 -7.07 -22.81
C GLY B 267 0.59 -8.49 -22.26
N ASN B 268 0.19 -9.41 -23.13
CA ASN B 268 0.06 -10.81 -22.74
C ASN B 268 -0.60 -10.98 -21.37
N ASN B 269 -1.61 -10.16 -21.10
CA ASN B 269 -2.34 -10.22 -19.84
C ASN B 269 -1.47 -10.31 -18.60
N LEU B 270 -0.58 -9.33 -18.44
CA LEU B 270 0.26 -9.30 -17.27
C LEU B 270 -0.04 -7.96 -16.60
N LYS B 271 -0.50 -8.04 -15.36
CA LYS B 271 -0.82 -6.86 -14.60
C LYS B 271 -0.07 -6.88 -13.28
N ILE B 272 0.65 -5.80 -13.00
CA ILE B 272 1.38 -5.70 -11.74
C ILE B 272 0.78 -4.58 -10.89
N SER B 273 0.36 -4.93 -9.68
CA SER B 273 -0.25 -3.97 -8.76
C SER B 273 0.72 -3.47 -7.72
N VAL B 274 0.86 -2.15 -7.63
CA VAL B 274 1.75 -1.58 -6.66
C VAL B 274 0.97 -0.59 -5.83
N PRO B 275 0.93 -0.77 -4.51
CA PRO B 275 0.18 0.18 -3.70
C PRO B 275 0.69 1.62 -3.76
N VAL B 276 -0.24 2.56 -3.91
CA VAL B 276 0.07 3.98 -3.96
C VAL B 276 1.10 4.38 -2.91
N SER B 277 1.02 3.77 -1.74
CA SER B 277 1.96 4.08 -0.66
C SER B 277 3.42 3.85 -1.07
N GLU B 278 3.67 2.87 -1.94
CA GLU B 278 5.04 2.58 -2.40
C GLU B 278 5.66 3.79 -3.11
N PHE B 279 4.78 4.58 -3.75
CA PHE B 279 5.19 5.76 -4.50
C PHE B 279 5.23 7.05 -3.66
N LEU B 280 4.83 6.95 -2.40
CA LEU B 280 4.82 8.12 -1.51
C LEU B 280 6.02 8.10 -0.57
N PHE B 281 6.67 9.26 -0.46
CA PHE B 281 7.86 9.37 0.38
C PHE B 281 7.73 10.48 1.41
N GLN B 282 8.06 10.15 2.65
CA GLN B 282 7.97 11.06 3.79
C GLN B 282 9.29 11.75 4.12
N THR B 283 9.35 13.07 3.95
CA THR B 283 10.55 13.82 4.30
C THR B 283 10.20 14.54 5.62
N TYR B 284 11.20 14.94 6.37
CA TYR B 284 10.95 15.62 7.64
C TYR B 284 11.69 16.95 7.71
N TYR B 285 11.27 17.80 8.63
CA TYR B 285 11.92 19.08 8.83
C TYR B 285 13.25 18.80 9.52
N THR B 286 14.12 19.80 9.55
CA THR B 286 15.42 19.66 10.19
C THR B 286 15.25 19.36 11.69
N SER B 287 14.02 19.51 12.17
CA SER B 287 13.69 19.27 13.58
C SER B 287 13.34 17.81 13.88
N GLY B 288 13.00 17.04 12.85
CA GLY B 288 12.64 15.65 13.05
C GLY B 288 11.17 15.38 12.76
N LYS B 289 10.36 16.43 12.74
CA LYS B 289 8.94 16.31 12.45
C LYS B 289 8.73 16.15 10.94
N PRO B 290 7.76 15.32 10.53
CA PRO B 290 7.48 15.10 9.11
C PRO B 290 6.79 16.27 8.43
N PHE B 291 6.86 16.29 7.11
CA PHE B 291 6.21 17.33 6.31
C PHE B 291 4.70 17.07 6.33
N PRO B 292 3.88 18.11 6.07
CA PRO B 292 2.43 17.93 6.07
C PRO B 292 1.98 16.77 5.17
N LYS B 293 2.45 16.79 3.93
CA LYS B 293 2.12 15.75 2.96
C LYS B 293 3.40 15.02 2.58
N CYS B 294 3.25 13.97 1.77
CA CYS B 294 4.39 13.20 1.31
C CYS B 294 4.64 13.47 -0.16
N GLU B 295 5.88 13.31 -0.60
CA GLU B 295 6.21 13.53 -2.00
C GLU B 295 5.76 12.34 -2.82
N VAL B 296 5.23 12.62 -4.00
CA VAL B 296 4.78 11.56 -4.91
C VAL B 296 6.01 11.24 -5.76
N ARG B 297 6.53 10.02 -5.64
CA ARG B 297 7.72 9.65 -6.39
C ARG B 297 7.45 9.15 -7.80
N ILE B 298 6.61 9.89 -8.51
CA ILE B 298 6.29 9.62 -9.91
C ILE B 298 6.36 11.01 -10.54
N ARG B 299 7.35 11.24 -11.37
CA ARG B 299 7.49 12.57 -11.96
C ARG B 299 7.53 12.59 -13.47
N GLU B 300 7.29 13.79 -13.99
CA GLU B 300 7.27 14.02 -15.42
C GLU B 300 8.65 13.88 -16.05
N SER B 301 8.69 13.22 -17.20
CA SER B 301 9.92 13.02 -17.96
C SER B 301 9.54 12.79 -19.41
N GLU B 302 10.54 12.71 -20.28
CA GLU B 302 10.29 12.48 -21.68
C GLU B 302 10.30 10.99 -21.95
N ASP B 303 10.80 10.24 -20.97
CA ASP B 303 10.87 8.79 -21.09
C ASP B 303 9.99 8.17 -20.03
N ASN B 304 9.37 7.06 -20.36
CA ASN B 304 8.55 6.36 -19.38
C ASN B 304 9.48 5.35 -18.73
N ILE B 305 9.69 5.47 -17.42
CA ILE B 305 10.61 4.57 -16.72
C ILE B 305 10.03 4.04 -15.43
N LEU B 306 10.11 2.73 -15.25
CA LEU B 306 9.63 2.11 -14.03
C LEU B 306 10.88 1.73 -13.27
N GLY B 307 11.20 2.54 -12.27
CA GLY B 307 12.39 2.31 -11.48
C GLY B 307 12.14 1.44 -10.27
N ASP B 308 13.01 1.61 -9.27
CA ASP B 308 12.96 0.86 -8.03
C ASP B 308 11.62 0.83 -7.29
N ASN B 309 10.95 1.97 -7.17
CA ASN B 309 9.68 1.93 -6.45
C ASN B 309 8.61 1.16 -7.20
N PHE B 310 9.04 0.43 -8.24
CA PHE B 310 8.12 -0.41 -8.99
C PHE B 310 8.62 -1.85 -8.93
N LEU B 311 9.83 -2.07 -9.44
CA LEU B 311 10.43 -3.39 -9.48
C LEU B 311 10.37 -4.11 -8.13
N ARG B 312 10.49 -3.34 -7.06
CA ARG B 312 10.42 -3.93 -5.73
C ARG B 312 9.16 -4.78 -5.54
N SER B 313 8.11 -4.50 -6.30
CA SER B 313 6.88 -5.27 -6.15
C SER B 313 6.83 -6.43 -7.14
N ALA B 314 7.96 -6.73 -7.77
CA ALA B 314 7.95 -7.79 -8.77
C ALA B 314 9.24 -8.56 -8.87
N TYR B 315 9.13 -9.77 -9.41
CA TYR B 315 10.31 -10.60 -9.64
C TYR B 315 10.41 -10.47 -11.15
N VAL B 316 11.48 -9.84 -11.60
CA VAL B 316 11.69 -9.60 -13.02
C VAL B 316 12.82 -10.43 -13.60
N VAL B 317 12.54 -11.13 -14.69
CA VAL B 317 13.55 -11.95 -15.33
C VAL B 317 13.87 -11.42 -16.72
N TYR B 318 15.00 -10.72 -16.85
CA TYR B 318 15.40 -10.19 -18.15
C TYR B 318 16.19 -11.25 -18.89
N ASN B 319 15.87 -11.44 -20.17
CA ASN B 319 16.60 -12.38 -20.99
C ASN B 319 16.92 -11.64 -22.26
N LEU B 320 18.08 -10.99 -22.27
CA LEU B 320 18.51 -10.21 -23.41
C LEU B 320 18.64 -11.07 -24.65
N ASP B 321 19.07 -12.32 -24.47
CA ASP B 321 19.23 -13.21 -25.62
C ASP B 321 17.89 -13.49 -26.32
N ASP B 322 16.84 -13.73 -25.54
CA ASP B 322 15.53 -14.04 -26.13
C ASP B 322 14.59 -12.87 -26.34
N LYS B 323 15.08 -11.64 -26.17
CA LYS B 323 14.26 -10.46 -26.37
C LYS B 323 12.98 -10.51 -25.52
N LYS B 324 13.05 -11.23 -24.40
CA LYS B 324 11.92 -11.34 -23.51
C LYS B 324 12.26 -10.78 -22.14
N ILE B 325 11.22 -10.37 -21.43
CA ILE B 325 11.33 -9.89 -20.07
C ILE B 325 10.08 -10.48 -19.47
N SER B 326 10.23 -11.20 -18.37
CA SER B 326 9.07 -11.85 -17.77
C SER B 326 8.88 -11.39 -16.34
N MET B 327 7.63 -11.30 -15.90
CA MET B 327 7.37 -10.88 -14.53
C MET B 327 6.26 -11.66 -13.87
N ALA B 328 6.16 -11.49 -12.55
CA ALA B 328 5.15 -12.13 -11.75
C ALA B 328 5.20 -11.44 -10.40
N PRO B 329 4.05 -11.30 -9.73
CA PRO B 329 4.04 -10.63 -8.41
C PRO B 329 5.09 -11.27 -7.50
N VAL B 330 5.81 -10.44 -6.76
CA VAL B 330 6.87 -10.94 -5.88
C VAL B 330 6.40 -11.50 -4.52
N LYS B 331 7.25 -12.37 -3.97
CA LYS B 331 7.01 -12.99 -2.67
C LYS B 331 8.27 -12.79 -1.82
N TYR B 332 8.16 -12.01 -0.76
CA TYR B 332 9.30 -11.76 0.10
C TYR B 332 9.54 -12.94 1.05
N THR B 333 10.51 -13.77 0.69
CA THR B 333 10.87 -14.94 1.49
C THR B 333 12.36 -15.16 1.53
N SER B 334 12.84 -15.61 2.68
CA SER B 334 14.25 -15.90 2.85
C SER B 334 14.50 -17.22 2.12
N GLU B 335 13.41 -17.98 1.92
CA GLU B 335 13.48 -19.26 1.23
C GLU B 335 14.01 -19.06 -0.17
N SER B 336 14.76 -20.05 -0.66
CA SER B 336 15.32 -19.95 -1.99
C SER B 336 15.24 -21.27 -2.75
N ASP B 337 15.07 -21.17 -4.06
CA ASP B 337 15.01 -22.34 -4.92
C ASP B 337 15.37 -21.89 -6.33
N ILE B 338 16.67 -21.77 -6.56
CA ILE B 338 17.23 -21.28 -7.82
C ILE B 338 17.45 -22.31 -8.94
N VAL B 339 16.82 -22.06 -10.10
CA VAL B 339 16.97 -22.91 -11.28
C VAL B 339 17.62 -22.09 -12.40
N ALA B 340 18.25 -22.77 -13.35
CA ALA B 340 18.91 -22.07 -14.46
C ALA B 340 17.89 -21.53 -15.46
N ILE B 341 18.26 -20.44 -16.14
CA ILE B 341 17.36 -19.86 -17.14
C ILE B 341 17.59 -20.63 -18.44
N ASN B 342 16.54 -21.30 -18.90
CA ASN B 342 16.60 -22.12 -20.11
C ASN B 342 16.24 -21.31 -21.34
CA IVA C 1 -9.78 2.43 18.58
CB IVA C 1 -8.38 1.80 18.63
CG1 IVA C 1 -7.44 2.65 17.77
CG2 IVA C 1 -8.38 0.36 18.14
C IVA C 1 -10.88 1.68 19.33
O IVA C 1 -10.74 1.27 20.48
N VAL C 2 -11.98 1.53 18.61
CA VAL C 2 -13.19 0.89 19.13
C VAL C 2 -13.50 -0.43 18.41
N VAL C 3 -14.33 -1.22 19.10
CA VAL C 3 -14.85 -2.51 18.65
C VAL C 3 -16.30 -2.49 19.12
N STA C 4 -17.21 -2.25 18.16
CA STA C 4 -18.65 -2.15 18.44
CB STA C 4 -19.16 -0.73 18.19
CG STA C 4 -18.33 0.37 18.86
CD1 STA C 4 -18.55 0.43 20.38
CD2 STA C 4 -18.68 1.72 18.22
CH STA C 4 -19.44 -3.09 17.52
OH STA C 4 -19.07 -2.78 16.17
CM STA C 4 -19.25 -4.58 17.81
C STA C 4 -19.78 -4.94 19.20
O STA C 4 -19.04 -4.89 20.18
N ALA C 5 -21.06 -5.33 19.25
CA ALA C 5 -21.73 -5.68 20.51
C ALA C 5 -21.53 -7.16 20.89
N STA C 6 -21.27 -7.42 22.17
CA STA C 6 -21.16 -8.82 22.62
CB STA C 6 -19.75 -9.33 22.94
CG STA C 6 -18.94 -8.53 23.97
CD1 STA C 6 -18.74 -9.30 25.28
CD2 STA C 6 -19.50 -7.13 24.22
CH STA C 6 -22.25 -9.14 23.63
OH STA C 6 -22.25 -8.14 24.65
CM STA C 6 -23.62 -9.11 22.94
C STA C 6 -23.60 -9.89 21.62
O STA C 6 -24.28 -9.41 20.68
OXT STA C 6 -22.89 -10.91 21.57
CA IVA D 1 17.29 9.94 -6.64
CB IVA D 1 16.18 10.98 -6.48
CG1 IVA D 1 15.44 10.73 -5.16
CG2 IVA D 1 15.19 10.98 -7.65
C IVA D 1 18.13 10.09 -7.90
O IVA D 1 18.47 11.18 -8.34
N VAL D 2 18.46 8.94 -8.45
CA VAL D 2 19.27 8.82 -9.68
C VAL D 2 18.44 8.25 -10.81
N VAL D 3 18.89 8.53 -12.03
CA VAL D 3 18.28 8.02 -13.27
C VAL D 3 19.47 7.59 -14.11
N STA D 4 19.71 6.28 -14.10
CA STA D 4 20.86 5.71 -14.81
CB STA D 4 21.84 5.14 -13.77
CG STA D 4 22.01 6.07 -12.57
CD1 STA D 4 22.89 7.30 -12.83
CD2 STA D 4 22.53 5.30 -11.35
CH STA D 4 20.37 4.67 -15.82
OH STA D 4 19.48 3.76 -15.17
CM STA D 4 19.63 5.30 -17.00
C STA D 4 20.56 6.12 -17.90
O STA D 4 20.75 7.32 -17.70
N ALA D 5 21.09 5.45 -18.91
CA ALA D 5 22.01 6.04 -19.89
C ALA D 5 21.24 6.72 -21.01
N STA D 6 21.82 7.79 -21.55
CA STA D 6 21.24 8.52 -22.68
CB STA D 6 20.25 9.62 -22.28
CG STA D 6 20.97 10.76 -21.58
CD1 STA D 6 22.21 10.29 -20.81
CD2 STA D 6 19.99 11.47 -20.63
CH STA D 6 22.36 9.04 -23.58
OH STA D 6 23.63 8.78 -22.98
CM STA D 6 22.27 8.28 -24.92
C STA D 6 21.72 6.89 -24.63
O STA D 6 22.53 6.02 -24.26
OXT STA D 6 20.48 6.77 -24.66
#